data_7X4X
#
_entry.id   7X4X
#
_cell.length_a   84.322
_cell.length_b   99.289
_cell.length_c   143.591
_cell.angle_alpha   90.000
_cell.angle_beta   90.000
_cell.angle_gamma   90.000
#
_symmetry.space_group_name_H-M   'P 21 21 21'
#
loop_
_entity.id
_entity.type
_entity.pdbx_description
1 polymer 'Kelch-like ECH-associated protein 1'
2 non-polymer '4-ethoxy-4-oxobutanoic acid'
#
_entity_poly.entity_id   1
_entity_poly.type   'polypeptide(L)'
_entity_poly.pdbx_seq_one_letter_code
;SEGSHMGNRTFSYTLEDHTKQAFGIMNELRLSQQLCDVTLQVKYQDAPAAQFMAHKVVLASSSPVFKAMFTNGLREQGME
VVSIEGIHPKVMERLIEFAYTASISMGEKCVLHVMNGAVMYQIDSVVRACADFLVQQLD
;
_entity_poly.pdbx_strand_id   E,D,C,B,A,F
#
loop_
_chem_comp.id
_chem_comp.type
_chem_comp.name
_chem_comp.formula
9J3 non-polymer '4-ethoxy-4-oxobutanoic acid' 'C6 H10 O4'
#
# COMPACT_ATOMS: atom_id res chain seq x y z
N ARG A 9 24.67 23.09 6.76
CA ARG A 9 25.02 21.91 7.55
C ARG A 9 24.07 20.76 7.27
N THR A 10 24.24 19.66 8.02
CA THR A 10 23.33 18.53 7.95
C THR A 10 23.24 17.92 9.34
N PHE A 11 22.03 17.49 9.70
CA PHE A 11 21.75 16.95 11.03
C PHE A 11 21.23 15.52 10.89
N SER A 12 21.80 14.61 11.67
CA SER A 12 21.42 13.21 11.66
C SER A 12 21.18 12.74 13.08
N TYR A 13 20.23 11.82 13.23
CA TYR A 13 19.91 11.23 14.53
C TYR A 13 19.56 9.76 14.34
N THR A 14 19.85 8.97 15.36
CA THR A 14 19.57 7.53 15.32
C THR A 14 19.18 7.09 16.72
N LEU A 15 17.91 6.77 16.93
CA LEU A 15 17.47 6.17 18.18
C LEU A 15 17.94 4.72 18.21
N GLU A 16 18.79 4.38 19.18
CA GLU A 16 19.51 3.11 19.11
C GLU A 16 18.59 1.92 19.36
N ASP A 17 17.82 1.96 20.45
CA ASP A 17 16.94 0.86 20.80
C ASP A 17 15.54 0.98 20.22
N HIS A 18 15.38 1.78 19.16
CA HIS A 18 14.05 1.99 18.57
C HIS A 18 13.41 0.68 18.14
N THR A 19 14.16 -0.13 17.38
CA THR A 19 13.66 -1.43 16.93
C THR A 19 13.16 -2.29 18.09
N LYS A 20 13.90 -2.31 19.20
CA LYS A 20 13.43 -3.03 20.38
C LYS A 20 12.13 -2.46 20.90
N GLN A 21 12.05 -1.13 20.98
CA GLN A 21 10.82 -0.48 21.43
C GLN A 21 9.68 -0.75 20.46
N ALA A 22 9.94 -0.57 19.16
CA ALA A 22 8.89 -0.76 18.16
C ALA A 22 8.41 -2.20 18.13
N PHE A 23 9.32 -3.16 18.32
CA PHE A 23 8.92 -4.56 18.30
C PHE A 23 8.07 -4.90 19.53
N GLY A 24 8.38 -4.28 20.67
CA GLY A 24 7.57 -4.51 21.86
C GLY A 24 6.13 -4.06 21.66
N ILE A 25 5.93 -2.95 20.95
CA ILE A 25 4.58 -2.50 20.64
C ILE A 25 3.94 -3.42 19.61
N MET A 26 4.74 -4.00 18.71
CA MET A 26 4.21 -4.98 17.76
C MET A 26 3.67 -6.21 18.49
N ASN A 27 4.40 -6.68 19.50
CA ASN A 27 3.90 -7.80 20.30
C ASN A 27 2.61 -7.41 21.01
N GLU A 28 2.52 -6.16 21.47
CA GLU A 28 1.30 -5.69 22.12
C GLU A 28 0.10 -5.84 21.20
N LEU A 29 0.22 -5.38 19.96
CA LEU A 29 -0.86 -5.51 19.00
C LEU A 29 -1.16 -6.97 18.68
N ARG A 30 -0.16 -7.84 18.79
CA ARG A 30 -0.39 -9.25 18.54
C ARG A 30 -1.20 -9.90 19.66
N LEU A 31 -0.91 -9.55 20.91
CA LEU A 31 -1.72 -10.05 22.02
C LEU A 31 -3.09 -9.37 22.03
N SER A 32 -3.14 -8.08 21.73
CA SER A 32 -4.41 -7.38 21.63
C SER A 32 -5.21 -7.79 20.40
N GLN A 33 -4.65 -8.63 19.54
CA GLN A 33 -5.33 -9.10 18.32
C GLN A 33 -5.80 -7.93 17.47
N GLN A 34 -4.86 -7.02 17.19
CA GLN A 34 -5.14 -5.81 16.44
C GLN A 34 -4.22 -5.74 15.23
N LEU A 35 -4.77 -5.29 14.10
CA LEU A 35 -4.05 -5.13 12.84
C LEU A 35 -3.52 -6.45 12.29
N CYS A 36 -4.02 -7.57 12.76
CA CYS A 36 -3.59 -8.87 12.26
C CYS A 36 -4.19 -9.14 10.89
N ASP A 37 -3.41 -9.81 10.04
CA ASP A 37 -3.86 -10.17 8.71
C ASP A 37 -3.69 -11.65 8.39
N VAL A 38 -3.19 -12.45 9.33
CA VAL A 38 -3.02 -13.88 9.13
C VAL A 38 -3.41 -14.60 10.42
N THR A 39 -3.91 -15.82 10.28
CA THR A 39 -4.28 -16.67 11.41
C THR A 39 -3.74 -18.07 11.14
N LEU A 40 -2.74 -18.48 11.92
CA LEU A 40 -2.13 -19.79 11.76
C LEU A 40 -2.93 -20.81 12.57
N GLN A 41 -3.54 -21.77 11.88
CA GLN A 41 -4.29 -22.85 12.51
C GLN A 41 -3.42 -24.10 12.48
N VAL A 42 -2.84 -24.46 13.62
CA VAL A 42 -1.92 -25.57 13.72
C VAL A 42 -2.69 -26.82 14.14
N LYS A 43 -2.40 -27.94 13.46
CA LYS A 43 -3.04 -29.22 13.76
C LYS A 43 -1.95 -30.29 13.77
N TYR A 44 -1.67 -30.83 14.95
CA TYR A 44 -0.72 -31.93 15.11
C TYR A 44 -1.46 -33.16 15.60
N GLN A 45 -1.03 -34.34 15.13
CA GLN A 45 -1.68 -35.58 15.50
C GLN A 45 -1.61 -35.79 17.02
N ASP A 46 -2.75 -36.07 17.62
CA ASP A 46 -2.88 -36.24 19.07
C ASP A 46 -2.41 -34.99 19.81
N ALA A 47 -3.07 -33.87 19.51
CA ALA A 47 -2.74 -32.59 20.11
C ALA A 47 -3.93 -31.66 19.95
N PRO A 48 -4.26 -30.85 20.97
CA PRO A 48 -5.36 -29.90 20.82
C PRO A 48 -5.09 -28.92 19.70
N ALA A 49 -6.12 -28.68 18.88
CA ALA A 49 -5.99 -27.74 17.77
C ALA A 49 -5.79 -26.33 18.29
N ALA A 50 -4.78 -25.63 17.76
CA ALA A 50 -4.40 -24.31 18.22
C ALA A 50 -4.80 -23.26 17.18
N GLN A 51 -4.55 -22.00 17.52
CA GLN A 51 -4.89 -20.87 16.65
C GLN A 51 -4.04 -19.68 17.06
N PHE A 52 -3.24 -19.18 16.14
CA PHE A 52 -2.32 -18.08 16.41
C PHE A 52 -2.55 -16.97 15.41
N MET A 53 -2.93 -15.79 15.89
CA MET A 53 -3.01 -14.60 15.06
C MET A 53 -1.68 -13.87 15.08
N ALA A 54 -1.31 -13.29 13.94
CA ALA A 54 -0.04 -12.60 13.81
C ALA A 54 -0.12 -11.64 12.63
N HIS A 55 0.97 -10.91 12.42
CA HIS A 55 1.10 -9.99 11.30
C HIS A 55 2.02 -10.61 10.25
N LYS A 56 1.56 -10.60 8.99
CA LYS A 56 2.33 -11.22 7.92
C LYS A 56 3.71 -10.60 7.78
N VAL A 57 3.79 -9.27 7.85
CA VAL A 57 5.07 -8.60 7.64
C VAL A 57 6.04 -8.88 8.79
N VAL A 58 5.52 -9.17 9.99
CA VAL A 58 6.40 -9.43 11.12
C VAL A 58 7.00 -10.83 11.00
N LEU A 59 6.15 -11.82 10.69
CA LEU A 59 6.66 -13.18 10.49
C LEU A 59 7.56 -13.26 9.27
N ALA A 60 7.22 -12.50 8.21
CA ALA A 60 8.05 -12.50 7.02
C ALA A 60 9.44 -11.93 7.30
N SER A 61 9.55 -11.05 8.29
CA SER A 61 10.84 -10.45 8.64
C SER A 61 11.72 -11.38 9.46
N SER A 62 11.19 -12.50 9.94
CA SER A 62 11.95 -13.42 10.77
C SER A 62 12.15 -14.79 10.16
N SER A 63 11.42 -15.13 9.10
CA SER A 63 11.52 -16.43 8.48
C SER A 63 11.35 -16.29 6.97
N PRO A 64 12.29 -16.80 6.18
CA PRO A 64 12.12 -16.76 4.71
C PRO A 64 10.95 -17.60 4.23
N VAL A 65 10.57 -18.64 4.97
CA VAL A 65 9.44 -19.48 4.56
C VAL A 65 8.13 -18.74 4.75
N PHE A 66 7.96 -18.05 5.88
CA PHE A 66 6.80 -17.20 6.06
C PHE A 66 6.76 -16.09 5.02
N LYS A 67 7.92 -15.52 4.70
CA LYS A 67 7.99 -14.46 3.70
C LYS A 67 7.61 -14.96 2.32
N ALA A 68 8.16 -16.11 1.92
CA ALA A 68 7.81 -16.68 0.62
C ALA A 68 6.35 -17.16 0.60
N MET A 69 5.84 -17.58 1.76
CA MET A 69 4.45 -18.04 1.82
C MET A 69 3.47 -16.90 1.58
N PHE A 70 3.72 -15.74 2.18
CA PHE A 70 2.77 -14.64 2.16
C PHE A 70 2.92 -13.73 0.95
N THR A 71 3.95 -13.90 0.13
CA THR A 71 4.18 -13.03 -1.02
C THR A 71 4.12 -13.79 -2.34
N ASN A 72 3.49 -14.96 -2.36
CA ASN A 72 3.41 -15.80 -3.56
C ASN A 72 1.99 -16.31 -3.74
N GLY A 73 1.47 -16.17 -4.96
CA GLY A 73 0.18 -16.73 -5.28
C GLY A 73 -0.98 -15.83 -4.89
N LEU A 74 -2.17 -16.44 -4.92
CA LEU A 74 -3.41 -15.75 -4.55
C LEU A 74 -3.52 -15.73 -3.03
N ARG A 75 -3.47 -14.54 -2.44
CA ARG A 75 -3.48 -14.36 -1.00
C ARG A 75 -4.74 -13.64 -0.55
N GLU A 76 -5.34 -14.14 0.53
CA GLU A 76 -6.54 -13.51 1.09
C GLU A 76 -6.24 -12.10 1.57
N GLN A 77 -7.10 -11.17 1.20
CA GLN A 77 -7.00 -9.81 1.73
C GLN A 77 -7.72 -9.73 3.08
N GLY A 78 -7.18 -8.88 3.95
CA GLY A 78 -7.78 -8.69 5.26
C GLY A 78 -7.36 -9.72 6.29
N MET A 79 -7.79 -10.96 6.12
CA MET A 79 -7.45 -12.02 7.07
C MET A 79 -7.33 -13.33 6.30
N GLU A 80 -6.12 -13.88 6.25
CA GLU A 80 -5.86 -15.15 5.58
C GLU A 80 -5.62 -16.23 6.63
N VAL A 81 -6.50 -17.22 6.66
CA VAL A 81 -6.33 -18.37 7.56
C VAL A 81 -5.46 -19.39 6.84
N VAL A 82 -4.32 -19.73 7.46
CA VAL A 82 -3.35 -20.64 6.88
C VAL A 82 -3.32 -21.90 7.73
N SER A 83 -3.58 -23.04 7.11
CA SER A 83 -3.50 -24.32 7.80
C SER A 83 -2.05 -24.81 7.83
N ILE A 84 -1.67 -25.43 8.95
CA ILE A 84 -0.29 -25.81 9.19
C ILE A 84 -0.26 -27.17 9.87
N GLU A 85 0.40 -28.13 9.24
CA GLU A 85 0.69 -29.43 9.85
C GLU A 85 2.19 -29.66 9.89
N GLY A 86 2.58 -30.75 10.54
CA GLY A 86 3.98 -31.12 10.64
C GLY A 86 4.74 -30.48 11.77
N ILE A 87 4.12 -29.59 12.53
CA ILE A 87 4.77 -28.94 13.66
C ILE A 87 3.78 -28.85 14.82
N HIS A 88 4.26 -29.09 16.03
CA HIS A 88 3.40 -29.09 17.19
C HIS A 88 2.99 -27.66 17.56
N PRO A 89 1.77 -27.46 18.05
CA PRO A 89 1.34 -26.10 18.44
C PRO A 89 2.27 -25.42 19.43
N LYS A 90 2.77 -26.15 20.43
CA LYS A 90 3.68 -25.54 21.38
C LYS A 90 4.96 -25.05 20.72
N VAL A 91 5.42 -25.75 19.67
CA VAL A 91 6.62 -25.32 18.96
C VAL A 91 6.33 -24.12 18.08
N MET A 92 5.20 -24.13 17.37
CA MET A 92 4.80 -22.97 16.58
C MET A 92 4.62 -21.73 17.46
N GLU A 93 4.31 -21.92 18.73
CA GLU A 93 4.17 -20.79 19.64
C GLU A 93 5.53 -20.17 19.96
N ARG A 94 6.53 -21.00 20.26
CA ARG A 94 7.85 -20.46 20.58
C ARG A 94 8.48 -19.78 19.39
N LEU A 95 8.18 -20.26 18.17
CA LEU A 95 8.72 -19.63 16.98
C LEU A 95 8.14 -18.23 16.78
N ILE A 96 6.82 -18.10 16.91
CA ILE A 96 6.19 -16.79 16.82
C ILE A 96 6.71 -15.87 17.92
N GLU A 97 6.80 -16.40 19.15
CA GLU A 97 7.26 -15.60 20.28
C GLU A 97 8.68 -15.08 20.04
N PHE A 98 9.53 -15.88 19.40
CA PHE A 98 10.87 -15.41 19.07
C PHE A 98 10.80 -14.31 18.02
N ALA A 99 9.97 -14.49 16.99
CA ALA A 99 9.88 -13.50 15.93
C ALA A 99 9.43 -12.15 16.45
N TYR A 100 8.61 -12.13 17.49
CA TYR A 100 8.07 -10.88 18.02
C TYR A 100 8.89 -10.31 19.18
N THR A 101 9.76 -11.11 19.81
CA THR A 101 10.53 -10.66 20.95
C THR A 101 12.02 -10.92 20.85
N ALA A 102 12.49 -11.67 19.85
CA ALA A 102 13.90 -12.03 19.70
C ALA A 102 14.41 -12.83 20.90
N SER A 103 13.52 -13.58 21.55
CA SER A 103 13.88 -14.41 22.69
C SER A 103 13.06 -15.69 22.64
N ILE A 104 13.72 -16.81 22.95
CA ILE A 104 13.10 -18.13 22.88
C ILE A 104 13.55 -18.94 24.08
N SER A 105 12.59 -19.56 24.78
CA SER A 105 12.87 -20.27 26.02
C SER A 105 11.98 -21.50 26.11
N MET A 106 12.59 -22.68 26.18
CA MET A 106 11.85 -23.94 26.29
C MET A 106 12.56 -24.83 27.30
N GLY A 107 12.01 -26.05 27.48
CA GLY A 107 12.62 -27.02 28.37
C GLY A 107 13.64 -27.91 27.68
N GLU A 108 14.33 -28.72 28.49
CA GLU A 108 15.40 -29.56 27.96
C GLU A 108 14.87 -30.62 27.00
N LYS A 109 13.65 -31.06 27.20
CA LYS A 109 13.07 -32.15 26.41
C LYS A 109 12.38 -31.67 25.14
N CYS A 110 12.57 -30.40 24.76
CA CYS A 110 11.90 -29.85 23.59
C CYS A 110 12.83 -29.08 22.65
N VAL A 111 14.13 -29.02 22.95
CA VAL A 111 15.06 -28.29 22.10
C VAL A 111 15.11 -28.90 20.70
N LEU A 112 15.10 -30.24 20.63
CA LEU A 112 15.12 -30.90 19.33
C LEU A 112 13.87 -30.59 18.53
N HIS A 113 12.70 -30.58 19.19
CA HIS A 113 11.46 -30.29 18.49
C HIS A 113 11.43 -28.84 18.00
N VAL A 114 11.84 -27.90 18.86
CA VAL A 114 11.88 -26.50 18.45
C VAL A 114 12.89 -26.31 17.33
N MET A 115 14.06 -26.97 17.44
CA MET A 115 15.05 -26.90 16.37
C MET A 115 14.49 -27.41 15.05
N ASN A 116 13.74 -28.51 15.10
CA ASN A 116 13.15 -29.06 13.89
C ASN A 116 12.15 -28.08 13.27
N GLY A 117 11.26 -27.53 14.09
CA GLY A 117 10.34 -26.52 13.58
C GLY A 117 11.04 -25.27 13.11
N ALA A 118 12.15 -24.91 13.78
CA ALA A 118 12.95 -23.78 13.34
C ALA A 118 13.51 -24.00 11.95
N VAL A 119 13.94 -25.24 11.66
CA VAL A 119 14.44 -25.56 10.33
C VAL A 119 13.31 -25.55 9.32
N MET A 120 12.13 -26.04 9.71
CA MET A 120 10.98 -26.07 8.81
C MET A 120 10.64 -24.67 8.30
N TYR A 121 10.92 -23.64 9.10
CA TYR A 121 10.67 -22.26 8.69
C TYR A 121 11.95 -21.46 8.53
N GLN A 122 13.10 -22.13 8.55
CA GLN A 122 14.40 -21.53 8.23
C GLN A 122 14.72 -20.34 9.13
N ILE A 123 14.17 -20.31 10.34
CA ILE A 123 14.58 -19.31 11.32
C ILE A 123 15.96 -19.73 11.81
N ASP A 124 16.98 -19.43 10.99
CA ASP A 124 18.32 -19.94 11.23
C ASP A 124 18.86 -19.53 12.60
N SER A 125 18.40 -18.39 13.11
CA SER A 125 18.93 -17.87 14.37
C SER A 125 18.75 -18.85 15.51
N VAL A 126 17.51 -19.33 15.73
CA VAL A 126 17.25 -20.29 16.79
C VAL A 126 17.56 -21.72 16.37
N VAL A 127 17.94 -21.95 15.11
CA VAL A 127 18.46 -23.26 14.73
C VAL A 127 19.82 -23.49 15.37
N ARG A 128 20.75 -22.56 15.18
CA ARG A 128 22.08 -22.70 15.75
C ARG A 128 22.07 -22.62 17.26
N ALA A 129 21.16 -21.81 17.84
CA ALA A 129 21.06 -21.73 19.28
C ALA A 129 20.64 -23.08 19.88
N CYS A 130 19.72 -23.77 19.23
CA CYS A 130 19.33 -25.10 19.68
C CYS A 130 20.45 -26.10 19.51
N ALA A 131 21.36 -25.86 18.55
CA ALA A 131 22.48 -26.76 18.36
C ALA A 131 23.49 -26.64 19.49
N ASP A 132 23.81 -25.41 19.89
CA ASP A 132 24.79 -25.19 20.95
C ASP A 132 24.35 -25.79 22.27
N PHE A 133 23.03 -25.86 22.51
CA PHE A 133 22.53 -26.41 23.76
C PHE A 133 22.59 -27.93 23.77
N LEU A 134 22.16 -28.56 22.67
CA LEU A 134 22.13 -30.02 22.61
C LEU A 134 23.52 -30.62 22.78
N VAL A 135 24.50 -30.05 22.07
CA VAL A 135 25.89 -30.52 22.19
C VAL A 135 26.68 -29.48 22.97
N GLN A 136 26.48 -29.43 24.28
CA GLN A 136 27.19 -28.48 25.14
C GLN A 136 28.48 -29.09 25.68
N ARG B 9 -15.03 -12.12 0.95
CA ARG B 9 -13.73 -12.70 0.67
C ARG B 9 -13.17 -12.19 -0.66
N THR B 10 -11.99 -11.58 -0.62
CA THR B 10 -11.29 -11.13 -1.81
C THR B 10 -9.84 -11.61 -1.76
N PHE B 11 -9.25 -11.76 -2.94
CA PHE B 11 -7.89 -12.26 -3.10
C PHE B 11 -7.13 -11.38 -4.07
N SER B 12 -5.81 -11.41 -3.97
CA SER B 12 -4.97 -10.57 -4.83
C SER B 12 -3.67 -11.29 -5.14
N TYR B 13 -3.26 -11.21 -6.41
CA TYR B 13 -2.00 -11.78 -6.88
C TYR B 13 -1.11 -10.65 -7.41
N THR B 14 0.19 -10.89 -7.39
CA THR B 14 1.15 -9.92 -7.90
C THR B 14 2.35 -10.66 -8.49
N LEU B 15 2.63 -10.40 -9.76
CA LEU B 15 3.82 -10.93 -10.43
C LEU B 15 4.89 -9.84 -10.43
N GLU B 16 5.87 -9.99 -9.54
CA GLU B 16 6.90 -8.96 -9.40
C GLU B 16 7.79 -8.86 -10.62
N ASP B 17 7.87 -9.90 -11.43
CA ASP B 17 8.71 -9.90 -12.63
C ASP B 17 7.99 -9.33 -13.85
N HIS B 18 6.77 -8.82 -13.69
CA HIS B 18 5.96 -8.45 -14.84
C HIS B 18 6.55 -7.25 -15.60
N THR B 19 6.84 -6.17 -14.88
CA THR B 19 7.28 -4.95 -15.55
C THR B 19 8.57 -5.17 -16.34
N LYS B 20 9.45 -6.04 -15.85
CA LYS B 20 10.67 -6.33 -16.60
C LYS B 20 10.38 -7.19 -17.82
N GLN B 21 9.47 -8.15 -17.70
CA GLN B 21 9.09 -8.97 -18.84
C GLN B 21 8.42 -8.14 -19.92
N ALA B 22 7.44 -7.31 -19.53
CA ALA B 22 6.70 -6.53 -20.51
C ALA B 22 7.59 -5.51 -21.21
N PHE B 23 8.49 -4.88 -20.46
CA PHE B 23 9.40 -3.91 -21.06
C PHE B 23 10.33 -4.58 -22.07
N GLY B 24 10.65 -5.86 -21.87
CA GLY B 24 11.43 -6.57 -22.86
C GLY B 24 10.69 -6.76 -24.16
N ILE B 25 9.39 -7.08 -24.08
CA ILE B 25 8.58 -7.22 -25.29
C ILE B 25 8.39 -5.86 -25.96
N MET B 26 8.27 -4.79 -25.16
CA MET B 26 8.19 -3.46 -25.74
C MET B 26 9.45 -3.10 -26.51
N ASN B 27 10.62 -3.48 -25.98
CA ASN B 27 11.87 -3.26 -26.70
C ASN B 27 11.91 -4.10 -27.98
N GLU B 28 11.38 -5.33 -27.93
CA GLU B 28 11.30 -6.15 -29.13
C GLU B 28 10.48 -5.46 -30.22
N LEU B 29 9.29 -4.98 -29.86
CA LEU B 29 8.42 -4.32 -30.82
C LEU B 29 9.06 -3.04 -31.35
N ARG B 30 9.92 -2.40 -30.57
CA ARG B 30 10.64 -1.22 -31.04
C ARG B 30 11.61 -1.58 -32.15
N LEU B 31 12.46 -2.59 -31.91
CA LEU B 31 13.42 -3.01 -32.94
C LEU B 31 12.73 -3.65 -34.13
N SER B 32 11.59 -4.31 -33.91
CA SER B 32 10.81 -4.83 -35.03
C SER B 32 10.02 -3.73 -35.73
N GLN B 33 9.94 -2.55 -35.14
CA GLN B 33 9.27 -1.39 -35.73
C GLN B 33 7.79 -1.68 -35.96
N GLN B 34 7.15 -2.24 -34.94
CA GLN B 34 5.72 -2.53 -34.95
C GLN B 34 5.06 -1.76 -33.82
N LEU B 35 3.83 -1.30 -34.06
CA LEU B 35 3.01 -0.53 -33.13
C LEU B 35 3.59 0.84 -32.82
N CYS B 36 4.61 1.28 -33.56
CA CYS B 36 5.22 2.58 -33.30
C CYS B 36 4.34 3.71 -33.81
N ASP B 37 4.30 4.80 -33.06
CA ASP B 37 3.48 5.95 -33.41
C ASP B 37 4.26 7.26 -33.47
N VAL B 38 5.59 7.21 -33.31
CA VAL B 38 6.40 8.43 -33.35
C VAL B 38 7.69 8.12 -34.09
N THR B 39 8.20 9.14 -34.79
CA THR B 39 9.46 9.07 -35.51
C THR B 39 10.24 10.35 -35.24
N LEU B 40 11.39 10.22 -34.59
CA LEU B 40 12.16 11.36 -34.11
C LEU B 40 13.28 11.67 -35.11
N GLN B 41 13.14 12.78 -35.84
CA GLN B 41 14.19 13.23 -36.76
C GLN B 41 15.20 14.03 -35.96
N VAL B 42 16.36 13.43 -35.68
CA VAL B 42 17.41 14.05 -34.89
C VAL B 42 18.50 14.56 -35.82
N LYS B 43 18.82 15.85 -35.69
CA LYS B 43 19.85 16.48 -36.51
C LYS B 43 20.64 17.43 -35.63
N TYR B 44 21.88 17.07 -35.33
CA TYR B 44 22.76 17.86 -34.49
C TYR B 44 23.74 18.65 -35.36
N GLN B 45 24.35 19.67 -34.75
CA GLN B 45 25.29 20.52 -35.46
C GLN B 45 26.46 19.70 -36.01
N ASP B 46 26.57 19.66 -37.33
CA ASP B 46 27.62 18.99 -38.10
C ASP B 46 27.54 17.47 -38.00
N ALA B 47 26.52 16.90 -37.34
CA ALA B 47 26.44 15.46 -37.20
C ALA B 47 25.37 14.89 -38.13
N PRO B 48 25.60 13.72 -38.73
CA PRO B 48 24.63 13.16 -39.66
C PRO B 48 23.29 12.91 -39.00
N ALA B 49 22.22 13.09 -39.76
CA ALA B 49 20.88 12.95 -39.23
C ALA B 49 20.55 11.48 -38.98
N ALA B 50 19.73 11.25 -37.96
CA ALA B 50 19.26 9.92 -37.61
C ALA B 50 17.80 10.01 -37.19
N GLN B 51 17.05 8.93 -37.42
CA GLN B 51 15.66 8.86 -37.03
C GLN B 51 15.43 7.62 -36.17
N PHE B 52 14.58 7.76 -35.16
CA PHE B 52 14.30 6.70 -34.21
C PHE B 52 12.79 6.52 -34.08
N MET B 53 12.31 5.32 -34.42
CA MET B 53 10.91 4.98 -34.21
C MET B 53 10.73 4.40 -32.81
N ALA B 54 9.70 4.87 -32.12
CA ALA B 54 9.45 4.48 -30.74
C ALA B 54 7.95 4.53 -30.46
N HIS B 55 7.58 4.29 -29.20
CA HIS B 55 6.21 4.37 -28.76
C HIS B 55 6.05 5.57 -27.85
N LYS B 56 5.05 6.41 -28.14
CA LYS B 56 4.89 7.65 -27.39
C LYS B 56 4.66 7.39 -25.91
N VAL B 57 3.85 6.38 -25.58
CA VAL B 57 3.56 6.09 -24.18
C VAL B 57 4.81 5.61 -23.45
N VAL B 58 5.63 4.79 -24.13
CA VAL B 58 6.86 4.31 -23.50
C VAL B 58 7.84 5.45 -23.28
N LEU B 59 7.94 6.37 -24.25
CA LEU B 59 8.80 7.52 -24.07
C LEU B 59 8.25 8.47 -23.02
N ALA B 60 6.93 8.64 -22.97
CA ALA B 60 6.31 9.52 -21.98
C ALA B 60 6.48 8.95 -20.57
N SER B 61 6.57 7.63 -20.44
CA SER B 61 6.69 7.00 -19.13
C SER B 61 8.08 7.15 -18.53
N SER B 62 9.08 7.51 -19.34
CA SER B 62 10.45 7.60 -18.86
C SER B 62 10.99 9.02 -18.88
N SER B 63 10.19 10.00 -19.30
CA SER B 63 10.65 11.37 -19.37
C SER B 63 9.49 12.34 -19.34
N PRO B 64 9.43 13.25 -18.35
CA PRO B 64 8.37 14.27 -18.35
C PRO B 64 8.44 15.19 -19.56
N VAL B 65 9.62 15.35 -20.15
CA VAL B 65 9.75 16.18 -21.35
C VAL B 65 9.06 15.51 -22.53
N PHE B 66 9.30 14.21 -22.72
CA PHE B 66 8.59 13.48 -23.77
C PHE B 66 7.09 13.46 -23.51
N LYS B 67 6.69 13.27 -22.24
CA LYS B 67 5.27 13.30 -21.90
C LYS B 67 4.67 14.67 -22.19
N ALA B 68 5.43 15.74 -21.97
CA ALA B 68 4.93 17.08 -22.27
C ALA B 68 4.74 17.26 -23.76
N MET B 69 5.73 16.91 -24.57
CA MET B 69 5.64 17.05 -26.02
C MET B 69 4.74 15.97 -26.67
N PHE B 70 4.09 15.10 -25.90
CA PHE B 70 3.18 14.13 -26.47
C PHE B 70 1.75 14.22 -25.93
N THR B 71 1.51 15.07 -24.93
CA THR B 71 0.17 15.27 -24.39
C THR B 71 -0.34 16.69 -24.51
N ASN B 72 0.54 17.68 -24.54
CA ASN B 72 0.14 19.07 -24.65
C ASN B 72 -0.16 19.42 -26.10
N GLY B 73 -1.38 19.86 -26.37
CA GLY B 73 -1.78 20.19 -27.73
C GLY B 73 -2.16 18.97 -28.54
N LEU B 74 -3.22 19.10 -29.34
CA LEU B 74 -3.67 18.01 -30.18
C LEU B 74 -2.78 17.92 -31.41
N ARG B 75 -2.19 16.75 -31.63
CA ARG B 75 -1.22 16.53 -32.69
C ARG B 75 -1.76 15.52 -33.70
N GLU B 76 -0.86 15.02 -34.55
CA GLU B 76 -1.22 13.98 -35.48
C GLU B 76 -1.66 12.72 -34.73
N GLN B 77 -2.25 11.79 -35.47
CA GLN B 77 -2.62 10.50 -34.93
C GLN B 77 -2.15 9.41 -35.89
N GLY B 78 -1.62 8.33 -35.33
CA GLY B 78 -1.09 7.25 -36.14
C GLY B 78 0.43 7.28 -36.24
N MET B 79 0.98 8.44 -36.61
CA MET B 79 2.42 8.58 -36.74
C MET B 79 2.81 10.06 -36.85
N GLU B 80 3.54 10.56 -35.85
CA GLU B 80 4.02 11.93 -35.84
C GLU B 80 5.52 11.96 -36.08
N VAL B 81 5.95 12.81 -37.01
CA VAL B 81 7.36 12.97 -37.34
C VAL B 81 7.80 14.29 -36.72
N VAL B 82 8.42 14.23 -35.54
CA VAL B 82 8.85 15.41 -34.81
C VAL B 82 10.33 15.62 -35.06
N SER B 83 10.72 16.88 -35.23
CA SER B 83 12.12 17.25 -35.44
C SER B 83 12.72 17.66 -34.12
N ILE B 84 13.74 16.91 -33.68
CA ILE B 84 14.39 17.14 -32.39
C ILE B 84 15.76 17.75 -32.65
N GLU B 85 15.98 18.94 -32.12
CA GLU B 85 17.26 19.63 -32.21
C GLU B 85 17.82 19.83 -30.80
N GLY B 86 19.14 19.92 -30.72
CA GLY B 86 19.82 20.20 -29.47
C GLY B 86 20.46 19.01 -28.80
N ILE B 87 20.26 17.80 -29.31
CA ILE B 87 20.87 16.60 -28.74
C ILE B 87 21.52 15.80 -29.85
N HIS B 88 22.67 15.20 -29.54
CA HIS B 88 23.36 14.37 -30.52
C HIS B 88 22.62 13.06 -30.72
N PRO B 89 22.61 12.52 -31.94
CA PRO B 89 21.89 11.25 -32.16
C PRO B 89 22.39 10.11 -31.28
N LYS B 90 23.70 10.00 -31.08
CA LYS B 90 24.24 8.93 -30.25
C LYS B 90 23.76 9.05 -28.81
N VAL B 91 23.55 10.28 -28.32
CA VAL B 91 23.04 10.46 -26.97
C VAL B 91 21.57 10.06 -26.90
N MET B 92 20.78 10.47 -27.90
CA MET B 92 19.37 10.09 -27.93
C MET B 92 19.20 8.59 -28.05
N GLU B 93 20.07 7.94 -28.84
CA GLU B 93 20.00 6.49 -28.97
C GLU B 93 20.25 5.79 -27.64
N ARG B 94 20.99 6.42 -26.73
CA ARG B 94 21.29 5.83 -25.44
C ARG B 94 20.21 6.11 -24.41
N LEU B 95 19.45 7.21 -24.56
CA LEU B 95 18.32 7.46 -23.68
C LEU B 95 17.13 6.58 -24.02
N ILE B 96 16.83 6.42 -25.31
CA ILE B 96 15.80 5.47 -25.73
C ILE B 96 16.18 4.06 -25.29
N GLU B 97 17.46 3.72 -25.39
CA GLU B 97 17.92 2.42 -24.88
C GLU B 97 17.69 2.29 -23.39
N PHE B 98 17.66 3.42 -22.66
CA PHE B 98 17.36 3.38 -21.24
C PHE B 98 15.86 3.34 -20.98
N ALA B 99 15.08 4.06 -21.80
CA ALA B 99 13.64 4.09 -21.62
C ALA B 99 12.97 2.74 -21.88
N TYR B 100 13.64 1.85 -22.61
CA TYR B 100 13.08 0.54 -22.95
C TYR B 100 13.76 -0.61 -22.23
N THR B 101 14.83 -0.36 -21.48
CA THR B 101 15.60 -1.45 -20.88
C THR B 101 15.82 -1.22 -19.39
N ALA B 102 15.81 0.04 -18.97
CA ALA B 102 16.25 0.51 -17.66
C ALA B 102 17.75 0.33 -17.47
N SER B 103 18.49 0.05 -18.55
CA SER B 103 19.94 -0.07 -18.52
C SER B 103 20.53 0.88 -19.54
N ILE B 104 21.62 1.54 -19.18
CA ILE B 104 22.30 2.48 -20.06
C ILE B 104 23.80 2.24 -19.94
N SER B 105 24.49 2.13 -21.07
CA SER B 105 25.90 1.77 -21.11
C SER B 105 26.60 2.61 -22.17
N MET B 106 27.62 3.37 -21.76
CA MET B 106 28.34 4.28 -22.64
C MET B 106 29.82 4.16 -22.29
N GLY B 107 30.64 4.83 -23.07
CA GLY B 107 32.06 4.87 -22.80
C GLY B 107 32.43 5.91 -21.75
N GLU B 108 33.64 5.76 -21.20
CA GLU B 108 34.13 6.70 -20.19
C GLU B 108 34.20 8.12 -20.75
N LYS B 109 34.50 8.28 -22.03
CA LYS B 109 34.62 9.59 -22.65
C LYS B 109 33.27 10.17 -23.08
N CYS B 110 32.15 9.52 -22.72
CA CYS B 110 30.84 9.98 -23.13
C CYS B 110 29.84 10.12 -21.99
N VAL B 111 30.25 9.87 -20.74
CA VAL B 111 29.34 9.99 -19.61
C VAL B 111 28.82 11.41 -19.49
N LEU B 112 29.64 12.39 -19.89
CA LEU B 112 29.23 13.79 -19.81
C LEU B 112 28.04 14.08 -20.72
N HIS B 113 28.20 13.83 -22.02
CA HIS B 113 27.14 14.11 -22.99
C HIS B 113 25.80 13.54 -22.58
N VAL B 114 25.79 12.29 -22.08
CA VAL B 114 24.54 11.64 -21.68
C VAL B 114 23.93 12.35 -20.48
N MET B 115 24.76 12.79 -19.54
CA MET B 115 24.28 13.66 -18.46
C MET B 115 23.53 14.86 -19.02
N ASN B 116 24.11 15.55 -20.00
CA ASN B 116 23.45 16.70 -20.61
C ASN B 116 22.12 16.30 -21.24
N GLY B 117 22.10 15.20 -21.99
CA GLY B 117 20.85 14.75 -22.59
C GLY B 117 19.83 14.32 -21.56
N ALA B 118 20.28 13.63 -20.51
CA ALA B 118 19.37 13.23 -19.44
C ALA B 118 18.81 14.45 -18.71
N VAL B 119 19.63 15.49 -18.54
CA VAL B 119 19.14 16.73 -17.96
C VAL B 119 18.13 17.39 -18.90
N MET B 120 18.44 17.40 -20.20
CA MET B 120 17.56 18.05 -21.16
C MET B 120 16.19 17.39 -21.21
N TYR B 121 16.12 16.08 -21.01
CA TYR B 121 14.86 15.36 -21.04
C TYR B 121 14.40 14.90 -19.66
N GLN B 122 15.01 15.44 -18.61
CA GLN B 122 14.56 15.24 -17.22
C GLN B 122 14.43 13.76 -16.87
N ILE B 123 15.37 12.96 -17.37
CA ILE B 123 15.46 11.54 -16.98
C ILE B 123 16.36 11.52 -15.75
N ASP B 124 15.77 11.88 -14.61
CA ASP B 124 16.54 12.12 -13.38
C ASP B 124 17.33 10.88 -12.97
N SER B 125 16.86 9.69 -13.36
CA SER B 125 17.57 8.47 -13.02
C SER B 125 18.99 8.48 -13.58
N VAL B 126 19.13 8.87 -14.84
CA VAL B 126 20.44 8.86 -15.48
C VAL B 126 21.29 10.04 -15.00
N VAL B 127 20.66 11.16 -14.66
CA VAL B 127 21.41 12.33 -14.18
C VAL B 127 22.20 11.98 -12.92
N ARG B 128 21.52 11.35 -11.94
CA ARG B 128 22.20 10.99 -10.71
C ARG B 128 23.33 10.02 -10.96
N ALA B 129 23.07 8.96 -11.73
CA ALA B 129 24.09 7.94 -11.98
C ALA B 129 25.29 8.52 -12.71
N CYS B 130 25.05 9.43 -13.66
CA CYS B 130 26.15 10.07 -14.38
C CYS B 130 26.98 10.95 -13.46
N ALA B 131 26.39 11.47 -12.38
CA ALA B 131 27.13 12.30 -11.45
C ALA B 131 28.15 11.48 -10.67
N ASP B 132 27.73 10.32 -10.15
CA ASP B 132 28.62 9.50 -9.35
C ASP B 132 29.79 8.96 -10.15
N PHE B 133 29.64 8.84 -11.47
CA PHE B 133 30.77 8.40 -12.29
C PHE B 133 31.72 9.56 -12.60
N LEU B 134 31.18 10.74 -12.90
CA LEU B 134 32.03 11.89 -13.21
C LEU B 134 32.89 12.27 -12.02
N VAL B 135 32.34 12.19 -10.80
CA VAL B 135 33.15 12.45 -9.62
C VAL B 135 34.12 11.28 -9.43
N GLN B 136 35.39 11.55 -9.70
CA GLN B 136 36.43 10.51 -9.71
C GLN B 136 37.80 11.15 -9.85
N GLN B 137 38.29 11.77 -8.78
CA GLN B 137 39.58 12.43 -8.81
C GLN B 137 40.65 11.56 -8.18
N ARG C 9 37.46 2.48 -20.91
CA ARG C 9 36.48 2.15 -19.89
C ARG C 9 35.06 2.37 -20.40
N THR C 10 34.10 1.66 -19.79
CA THR C 10 32.69 1.81 -20.11
C THR C 10 31.90 1.83 -18.80
N PHE C 11 31.00 2.80 -18.69
CA PHE C 11 30.15 2.95 -17.50
C PHE C 11 28.80 2.32 -17.78
N SER C 12 28.44 1.33 -16.97
CA SER C 12 27.15 0.66 -17.06
C SER C 12 26.33 0.96 -15.82
N TYR C 13 25.01 1.10 -16.01
CA TYR C 13 24.11 1.42 -14.91
C TYR C 13 22.75 0.83 -15.21
N THR C 14 22.07 0.39 -14.15
CA THR C 14 20.72 -0.17 -14.26
C THR C 14 19.92 0.24 -13.04
N LEU C 15 18.85 1.00 -13.26
CA LEU C 15 17.90 1.31 -12.19
C LEU C 15 16.89 0.17 -12.14
N GLU C 16 17.04 -0.71 -11.15
CA GLU C 16 16.17 -1.87 -11.03
C GLU C 16 14.71 -1.47 -10.84
N ASP C 17 14.46 -0.31 -10.26
CA ASP C 17 13.11 0.15 -9.96
C ASP C 17 12.43 0.83 -11.14
N HIS C 18 13.19 1.18 -12.19
CA HIS C 18 12.67 2.03 -13.26
C HIS C 18 11.41 1.44 -13.91
N THR C 19 11.41 0.13 -14.16
CA THR C 19 10.28 -0.48 -14.87
C THR C 19 8.97 -0.31 -14.11
N LYS C 20 9.01 -0.47 -12.78
CA LYS C 20 7.81 -0.26 -11.98
C LYS C 20 7.37 1.19 -12.01
N GLN C 21 8.31 2.13 -12.09
CA GLN C 21 7.96 3.54 -12.13
C GLN C 21 7.31 3.91 -13.46
N ALA C 22 7.88 3.45 -14.57
CA ALA C 22 7.35 3.79 -15.89
C ALA C 22 5.96 3.21 -16.09
N PHE C 23 5.72 1.99 -15.59
CA PHE C 23 4.38 1.41 -15.67
C PHE C 23 3.39 2.18 -14.81
N GLY C 24 3.85 2.80 -13.73
CA GLY C 24 2.97 3.67 -12.96
C GLY C 24 2.49 4.86 -13.77
N ILE C 25 3.39 5.45 -14.56
CA ILE C 25 2.99 6.54 -15.45
C ILE C 25 2.16 6.00 -16.61
N MET C 26 2.47 4.80 -17.08
CA MET C 26 1.68 4.19 -18.14
C MET C 26 0.24 3.96 -17.69
N ASN C 27 0.07 3.39 -16.50
CA ASN C 27 -1.27 3.23 -15.95
C ASN C 27 -1.90 4.60 -15.68
N GLU C 28 -1.10 5.57 -15.25
CA GLU C 28 -1.59 6.92 -15.04
C GLU C 28 -2.18 7.48 -16.33
N LEU C 29 -1.47 7.33 -17.45
CA LEU C 29 -1.94 7.87 -18.72
C LEU C 29 -3.17 7.14 -19.22
N ARG C 30 -3.28 5.83 -18.93
CA ARG C 30 -4.46 5.07 -19.36
C ARG C 30 -5.71 5.58 -18.66
N LEU C 31 -5.67 5.68 -17.33
CA LEU C 31 -6.81 6.19 -16.58
C LEU C 31 -7.15 7.61 -16.99
N SER C 32 -6.16 8.40 -17.38
CA SER C 32 -6.37 9.76 -17.86
C SER C 32 -6.76 9.82 -19.33
N GLN C 33 -6.81 8.67 -20.01
CA GLN C 33 -7.33 8.57 -21.38
C GLN C 33 -6.43 9.27 -22.39
N GLN C 34 -5.14 9.41 -22.08
CA GLN C 34 -4.19 10.05 -22.97
C GLN C 34 -3.36 9.02 -23.72
N LEU C 35 -2.93 9.40 -24.93
CA LEU C 35 -2.05 8.62 -25.79
C LEU C 35 -2.61 7.24 -26.13
N CYS C 36 -3.89 7.00 -25.86
CA CYS C 36 -4.47 5.69 -26.14
C CYS C 36 -4.68 5.50 -27.63
N ASP C 37 -4.54 4.26 -28.09
CA ASP C 37 -4.67 3.93 -29.50
C ASP C 37 -5.56 2.71 -29.74
N VAL C 38 -6.35 2.32 -28.75
CA VAL C 38 -7.24 1.17 -28.90
C VAL C 38 -8.37 1.32 -27.89
N THR C 39 -9.55 0.81 -28.26
CA THR C 39 -10.73 0.82 -27.39
C THR C 39 -11.38 -0.55 -27.48
N LEU C 40 -11.23 -1.35 -26.42
CA LEU C 40 -11.87 -2.66 -26.35
C LEU C 40 -13.33 -2.48 -25.96
N GLN C 41 -14.23 -3.09 -26.74
CA GLN C 41 -15.66 -3.01 -26.49
C GLN C 41 -16.14 -4.38 -26.05
N VAL C 42 -16.36 -4.53 -24.74
CA VAL C 42 -16.72 -5.82 -24.15
C VAL C 42 -18.24 -5.92 -24.08
N LYS C 43 -18.79 -6.97 -24.68
CA LYS C 43 -20.22 -7.26 -24.64
C LYS C 43 -20.38 -8.72 -24.24
N TYR C 44 -20.98 -8.95 -23.07
CA TYR C 44 -21.19 -10.29 -22.55
C TYR C 44 -22.67 -10.62 -22.51
N GLN C 45 -22.96 -11.91 -22.36
CA GLN C 45 -24.33 -12.42 -22.38
C GLN C 45 -25.18 -11.77 -21.28
N ASP C 46 -26.07 -10.88 -21.68
CA ASP C 46 -26.97 -10.16 -20.78
C ASP C 46 -26.18 -9.46 -19.67
N ALA C 47 -25.25 -8.62 -20.11
CA ALA C 47 -24.41 -7.84 -19.22
C ALA C 47 -24.29 -6.42 -19.75
N PRO C 48 -24.20 -5.44 -18.86
CA PRO C 48 -24.04 -4.04 -19.32
C PRO C 48 -22.79 -3.87 -20.15
N ALA C 49 -22.96 -3.42 -21.38
CA ALA C 49 -21.84 -3.24 -22.29
C ALA C 49 -20.89 -2.18 -21.75
N ALA C 50 -19.59 -2.48 -21.81
CA ALA C 50 -18.56 -1.57 -21.31
C ALA C 50 -17.41 -1.51 -22.30
N GLN C 51 -16.66 -0.42 -22.24
CA GLN C 51 -15.51 -0.23 -23.10
C GLN C 51 -14.34 0.30 -22.29
N PHE C 52 -13.14 -0.13 -22.67
CA PHE C 52 -11.91 0.23 -21.98
C PHE C 52 -10.89 0.77 -22.98
N MET C 53 -10.16 1.80 -22.56
CA MET C 53 -9.14 2.43 -23.38
C MET C 53 -7.76 2.06 -22.85
N ALA C 54 -6.85 1.75 -23.76
CA ALA C 54 -5.50 1.34 -23.39
C ALA C 54 -4.56 1.65 -24.55
N HIS C 55 -3.30 1.33 -24.35
CA HIS C 55 -2.28 1.51 -25.37
C HIS C 55 -1.94 0.15 -25.98
N LYS C 56 -1.93 0.09 -27.32
CA LYS C 56 -1.70 -1.18 -28.01
C LYS C 56 -0.38 -1.84 -27.58
N VAL C 57 0.67 -1.03 -27.42
CA VAL C 57 1.97 -1.60 -27.08
C VAL C 57 1.98 -2.14 -25.66
N VAL C 58 1.15 -1.58 -24.77
CA VAL C 58 1.12 -2.08 -23.40
C VAL C 58 0.40 -3.43 -23.34
N LEU C 59 -0.77 -3.51 -23.98
CA LEU C 59 -1.50 -4.77 -24.00
C LEU C 59 -0.72 -5.86 -24.71
N ALA C 60 -0.05 -5.51 -25.82
CA ALA C 60 0.74 -6.50 -26.54
C ALA C 60 1.93 -6.98 -25.72
N SER C 61 2.44 -6.14 -24.81
CA SER C 61 3.57 -6.53 -23.97
C SER C 61 3.18 -7.47 -22.84
N SER C 62 1.89 -7.65 -22.59
CA SER C 62 1.43 -8.48 -21.47
C SER C 62 0.55 -9.63 -21.92
N SER C 63 0.20 -9.73 -23.20
CA SER C 63 -0.66 -10.80 -23.66
C SER C 63 -0.30 -11.19 -25.09
N PRO C 64 0.17 -12.42 -25.31
CA PRO C 64 0.47 -12.85 -26.69
C PRO C 64 -0.74 -12.83 -27.60
N VAL C 65 -1.95 -12.98 -27.06
CA VAL C 65 -3.16 -12.89 -27.88
C VAL C 65 -3.34 -11.46 -28.40
N PHE C 66 -3.06 -10.46 -27.55
CA PHE C 66 -3.13 -9.08 -28.01
C PHE C 66 -1.97 -8.75 -28.95
N LYS C 67 -0.80 -9.33 -28.69
CA LYS C 67 0.36 -9.07 -29.56
C LYS C 67 0.11 -9.56 -30.97
N ALA C 68 -0.36 -10.81 -31.12
CA ALA C 68 -0.66 -11.35 -32.43
C ALA C 68 -1.80 -10.61 -33.11
N MET C 69 -2.67 -9.96 -32.33
CA MET C 69 -3.80 -9.23 -32.91
C MET C 69 -3.36 -7.86 -33.42
N PHE C 70 -2.53 -7.15 -32.66
CA PHE C 70 -2.11 -5.80 -33.05
C PHE C 70 -0.96 -5.80 -34.04
N THR C 71 -0.14 -6.85 -34.06
CA THR C 71 0.90 -6.99 -35.07
C THR C 71 0.40 -7.70 -36.32
N ASN C 72 -0.90 -7.65 -36.59
CA ASN C 72 -1.49 -8.32 -37.74
C ASN C 72 -1.32 -7.50 -39.01
N GLY C 73 -0.23 -6.74 -39.08
CA GLY C 73 0.10 -5.95 -40.25
C GLY C 73 -0.87 -4.81 -40.51
N LEU C 74 -1.98 -5.11 -41.18
CA LEU C 74 -2.92 -4.10 -41.65
C LEU C 74 -4.02 -3.91 -40.61
N ARG C 75 -3.92 -2.82 -39.84
CA ARG C 75 -4.92 -2.47 -38.84
C ARG C 75 -5.19 -0.97 -38.90
N GLU C 76 -6.34 -0.58 -38.34
CA GLU C 76 -6.69 0.83 -38.30
C GLU C 76 -5.69 1.61 -37.44
N GLN C 77 -5.05 2.60 -38.05
CA GLN C 77 -4.04 3.38 -37.37
C GLN C 77 -4.68 4.50 -36.56
N GLY C 78 -4.03 4.85 -35.46
CA GLY C 78 -4.46 5.95 -34.61
C GLY C 78 -5.50 5.61 -33.57
N MET C 79 -6.58 4.94 -33.97
CA MET C 79 -7.62 4.54 -33.03
C MET C 79 -8.42 3.40 -33.65
N GLU C 80 -8.20 2.19 -33.14
CA GLU C 80 -8.94 1.02 -33.56
C GLU C 80 -9.81 0.52 -32.41
N VAL C 81 -11.10 0.39 -32.67
CA VAL C 81 -12.05 -0.13 -31.70
C VAL C 81 -12.23 -1.61 -32.01
N VAL C 82 -11.82 -2.48 -31.09
CA VAL C 82 -12.01 -3.92 -31.24
C VAL C 82 -13.12 -4.34 -30.31
N SER C 83 -13.86 -5.38 -30.72
CA SER C 83 -14.99 -5.88 -29.98
C SER C 83 -14.60 -7.20 -29.32
N ILE C 84 -14.63 -7.23 -27.99
CA ILE C 84 -14.25 -8.40 -27.22
C ILE C 84 -15.52 -9.16 -26.84
N GLU C 85 -15.50 -10.48 -27.02
CA GLU C 85 -16.66 -11.31 -26.73
C GLU C 85 -16.22 -12.55 -25.96
N GLY C 86 -17.17 -13.13 -25.24
CA GLY C 86 -16.90 -14.33 -24.47
C GLY C 86 -16.23 -14.09 -23.14
N ILE C 87 -16.12 -12.84 -22.69
CA ILE C 87 -15.47 -12.51 -21.44
C ILE C 87 -16.27 -11.40 -20.76
N HIS C 88 -16.41 -11.49 -19.45
CA HIS C 88 -17.19 -10.50 -18.72
C HIS C 88 -16.41 -9.20 -18.61
N PRO C 89 -17.07 -8.05 -18.71
CA PRO C 89 -16.35 -6.77 -18.57
C PRO C 89 -15.55 -6.67 -17.29
N LYS C 90 -16.07 -7.22 -16.19
CA LYS C 90 -15.32 -7.21 -14.94
C LYS C 90 -14.01 -7.99 -15.08
N VAL C 91 -14.10 -9.23 -15.59
CA VAL C 91 -12.90 -10.04 -15.78
C VAL C 91 -11.93 -9.33 -16.73
N MET C 92 -12.45 -8.80 -17.84
CA MET C 92 -11.61 -8.04 -18.77
C MET C 92 -10.99 -6.82 -18.09
N GLU C 93 -11.73 -6.22 -17.15
CA GLU C 93 -11.20 -5.03 -16.46
C GLU C 93 -10.04 -5.40 -15.55
N ARG C 94 -10.17 -6.49 -14.79
CA ARG C 94 -9.08 -6.90 -13.91
C ARG C 94 -7.84 -7.32 -14.70
N LEU C 95 -8.06 -8.00 -15.83
CA LEU C 95 -6.92 -8.41 -16.65
C LEU C 95 -6.15 -7.20 -17.17
N ILE C 96 -6.86 -6.14 -17.56
CA ILE C 96 -6.20 -4.92 -17.99
C ILE C 96 -5.41 -4.30 -16.85
N GLU C 97 -5.97 -4.31 -15.64
CA GLU C 97 -5.26 -3.78 -14.49
C GLU C 97 -3.98 -4.56 -14.23
N PHE C 98 -4.01 -5.88 -14.41
CA PHE C 98 -2.80 -6.67 -14.28
C PHE C 98 -1.74 -6.23 -15.29
N ALA C 99 -2.16 -5.99 -16.53
CA ALA C 99 -1.21 -5.59 -17.57
C ALA C 99 -0.57 -4.25 -17.25
N TYR C 100 -1.25 -3.38 -16.50
CA TYR C 100 -0.75 -2.05 -16.22
C TYR C 100 -0.14 -1.90 -14.84
N THR C 101 -0.48 -2.78 -13.90
CA THR C 101 0.00 -2.67 -12.52
C THR C 101 0.68 -3.92 -11.98
N ALA C 102 0.72 -5.00 -12.75
CA ALA C 102 1.32 -6.27 -12.33
C ALA C 102 0.61 -6.89 -11.13
N SER C 103 -0.60 -6.44 -10.83
CA SER C 103 -1.38 -6.98 -9.73
C SER C 103 -2.83 -7.15 -10.17
N ILE C 104 -3.47 -8.19 -9.65
CA ILE C 104 -4.85 -8.50 -9.95
C ILE C 104 -5.56 -8.89 -8.66
N SER C 105 -6.76 -8.38 -8.47
CA SER C 105 -7.56 -8.65 -7.27
C SER C 105 -8.91 -9.22 -7.67
N MET C 106 -9.42 -10.15 -6.87
CA MET C 106 -10.64 -10.85 -7.24
C MET C 106 -11.31 -11.42 -5.99
N GLY C 107 -12.59 -11.77 -6.14
CA GLY C 107 -13.35 -12.41 -5.09
C GLY C 107 -13.36 -13.92 -5.26
N GLU C 108 -13.84 -14.60 -4.21
CA GLU C 108 -13.76 -16.05 -4.17
C GLU C 108 -14.64 -16.70 -5.24
N LYS C 109 -15.83 -16.15 -5.48
CA LYS C 109 -16.80 -16.81 -6.34
C LYS C 109 -16.42 -16.70 -7.81
N CYS C 110 -15.19 -16.25 -8.11
CA CYS C 110 -14.83 -15.91 -9.47
C CYS C 110 -13.38 -16.23 -9.83
N VAL C 111 -12.66 -16.99 -9.01
CA VAL C 111 -11.25 -17.30 -9.34
C VAL C 111 -11.19 -18.09 -10.63
N LEU C 112 -12.16 -18.99 -10.83
CA LEU C 112 -12.22 -19.76 -12.07
C LEU C 112 -12.52 -18.86 -13.27
N HIS C 113 -13.39 -17.87 -13.08
CA HIS C 113 -13.78 -17.01 -14.19
C HIS C 113 -12.61 -16.17 -14.69
N VAL C 114 -11.73 -15.73 -13.77
CA VAL C 114 -10.56 -14.96 -14.17
C VAL C 114 -9.51 -15.86 -14.81
N MET C 115 -9.35 -17.09 -14.29
CA MET C 115 -8.45 -18.03 -14.92
C MET C 115 -8.84 -18.27 -16.37
N ASN C 116 -10.14 -18.43 -16.63
CA ASN C 116 -10.61 -18.62 -18.00
C ASN C 116 -10.32 -17.39 -18.85
N GLY C 117 -10.39 -16.20 -18.25
CA GLY C 117 -10.09 -14.99 -18.98
C GLY C 117 -8.62 -14.87 -19.33
N ALA C 118 -7.75 -15.30 -18.42
CA ALA C 118 -6.31 -15.23 -18.68
C ALA C 118 -5.86 -16.35 -19.61
N VAL C 119 -6.52 -17.52 -19.55
CA VAL C 119 -6.27 -18.55 -20.55
C VAL C 119 -6.62 -18.04 -21.94
N MET C 120 -7.73 -17.31 -22.04
CA MET C 120 -8.15 -16.77 -23.32
C MET C 120 -7.12 -15.80 -23.89
N TYR C 121 -6.38 -15.11 -23.03
CA TYR C 121 -5.39 -14.14 -23.48
C TYR C 121 -3.97 -14.55 -23.10
N GLN C 122 -3.77 -15.79 -22.68
CA GLN C 122 -2.44 -16.36 -22.43
C GLN C 122 -1.64 -15.51 -21.44
N ILE C 123 -2.34 -14.96 -20.45
CA ILE C 123 -1.67 -14.28 -19.32
C ILE C 123 -1.38 -15.38 -18.31
N ASP C 124 -0.31 -16.15 -18.60
CA ASP C 124 -0.04 -17.38 -17.87
C ASP C 124 0.29 -17.14 -16.40
N SER C 125 0.70 -15.92 -16.04
CA SER C 125 1.04 -15.64 -14.65
C SER C 125 -0.17 -15.81 -13.74
N VAL C 126 -1.31 -15.21 -14.10
CA VAL C 126 -2.49 -15.35 -13.27
C VAL C 126 -3.23 -16.65 -13.57
N VAL C 127 -3.00 -17.26 -14.73
CA VAL C 127 -3.47 -18.63 -14.96
C VAL C 127 -2.87 -19.56 -13.92
N ARG C 128 -1.56 -19.44 -13.68
CA ARG C 128 -0.89 -20.28 -12.71
C ARG C 128 -1.40 -19.99 -11.29
N ALA C 129 -1.59 -18.71 -10.96
CA ALA C 129 -1.99 -18.35 -9.60
C ALA C 129 -3.40 -18.84 -9.29
N CYS C 130 -4.34 -18.62 -10.22
CA CYS C 130 -5.72 -19.03 -10.00
C CYS C 130 -5.84 -20.55 -9.94
N ALA C 131 -5.19 -21.24 -10.89
CA ALA C 131 -5.25 -22.70 -10.90
C ALA C 131 -4.56 -23.28 -9.67
N ASP C 132 -3.46 -22.66 -9.23
CA ASP C 132 -2.81 -23.09 -8.01
C ASP C 132 -3.70 -22.86 -6.79
N PHE C 133 -4.51 -21.81 -6.81
CA PHE C 133 -5.37 -21.50 -5.67
C PHE C 133 -6.55 -22.46 -5.60
N LEU C 134 -7.14 -22.80 -6.75
CA LEU C 134 -8.31 -23.67 -6.74
C LEU C 134 -7.98 -25.06 -6.21
N VAL C 135 -6.80 -25.58 -6.56
CA VAL C 135 -6.43 -26.91 -6.09
C VAL C 135 -5.96 -26.88 -4.65
N GLN C 136 -5.34 -25.77 -4.22
CA GLN C 136 -4.85 -25.67 -2.85
C GLN C 136 -5.99 -25.82 -1.85
N GLN C 137 -7.11 -25.14 -2.10
CA GLN C 137 -8.29 -25.36 -1.27
C GLN C 137 -8.91 -26.71 -1.62
N LEU C 138 -8.59 -27.72 -0.81
CA LEU C 138 -8.92 -29.13 -1.07
C LEU C 138 -10.32 -29.35 -1.63
N ARG D 9 15.87 -28.96 33.51
CA ARG D 9 16.74 -27.97 32.90
C ARG D 9 15.94 -27.02 32.00
N THR D 10 16.51 -25.85 31.72
CA THR D 10 15.87 -24.86 30.89
C THR D 10 16.89 -24.25 29.94
N PHE D 11 16.39 -23.67 28.85
CA PHE D 11 17.22 -23.08 27.81
C PHE D 11 16.65 -21.72 27.44
N SER D 12 17.47 -20.68 27.50
CA SER D 12 17.07 -19.34 27.14
C SER D 12 18.02 -18.78 26.09
N TYR D 13 17.49 -17.90 25.24
CA TYR D 13 18.25 -17.37 24.12
C TYR D 13 17.70 -16.00 23.77
N THR D 14 18.59 -15.10 23.33
CA THR D 14 18.20 -13.75 22.95
C THR D 14 19.09 -13.30 21.80
N LEU D 15 18.52 -13.23 20.59
CA LEU D 15 19.18 -12.57 19.46
C LEU D 15 19.15 -11.07 19.69
N GLU D 16 20.30 -10.49 20.05
CA GLU D 16 20.34 -9.09 20.44
C GLU D 16 20.02 -8.17 19.27
N ASP D 17 20.63 -8.41 18.12
CA ASP D 17 20.41 -7.59 16.93
C ASP D 17 19.31 -8.12 16.00
N HIS D 18 18.51 -9.08 16.46
CA HIS D 18 17.40 -9.58 15.65
C HIS D 18 16.47 -8.45 15.23
N THR D 19 16.07 -7.62 16.19
CA THR D 19 15.13 -6.54 15.91
C THR D 19 15.67 -5.57 14.85
N LYS D 20 17.00 -5.47 14.74
CA LYS D 20 17.58 -4.68 13.65
C LYS D 20 17.52 -5.44 12.33
N GLN D 21 17.74 -6.76 12.37
CA GLN D 21 17.64 -7.56 11.16
C GLN D 21 16.23 -7.57 10.61
N ALA D 22 15.24 -7.91 11.44
CA ALA D 22 13.87 -8.01 10.97
C ALA D 22 13.36 -6.68 10.43
N PHE D 23 13.82 -5.56 11.01
CA PHE D 23 13.40 -4.27 10.50
C PHE D 23 14.03 -3.97 9.14
N GLY D 24 15.24 -4.46 8.91
CA GLY D 24 15.84 -4.32 7.59
C GLY D 24 15.06 -5.08 6.53
N ILE D 25 14.60 -6.28 6.86
CA ILE D 25 13.77 -7.04 5.93
C ILE D 25 12.42 -6.35 5.74
N MET D 26 11.87 -5.78 6.81
CA MET D 26 10.60 -5.07 6.70
C MET D 26 10.74 -3.80 5.87
N ASN D 27 11.93 -3.19 5.86
CA ASN D 27 12.14 -2.03 5.01
C ASN D 27 12.22 -2.44 3.55
N GLU D 28 12.79 -3.63 3.27
CA GLU D 28 12.81 -4.13 1.90
C GLU D 28 11.40 -4.38 1.38
N LEU D 29 10.57 -5.03 2.20
CA LEU D 29 9.19 -5.29 1.82
C LEU D 29 8.43 -4.00 1.54
N ARG D 30 8.77 -2.92 2.25
CA ARG D 30 8.17 -1.62 1.97
C ARG D 30 8.64 -1.09 0.62
N LEU D 31 9.96 -1.15 0.37
CA LEU D 31 10.50 -0.68 -0.89
C LEU D 31 10.05 -1.54 -2.08
N SER D 32 9.60 -2.77 -1.82
CA SER D 32 9.05 -3.63 -2.85
C SER D 32 7.52 -3.61 -2.88
N GLN D 33 6.89 -2.83 -2.01
CA GLN D 33 5.45 -2.66 -1.93
C GLN D 33 4.71 -3.94 -1.59
N GLN D 34 5.42 -4.99 -1.17
CA GLN D 34 4.78 -6.25 -0.84
C GLN D 34 4.25 -6.23 0.60
N LEU D 35 3.05 -6.77 0.78
CA LEU D 35 2.36 -6.92 2.06
C LEU D 35 1.92 -5.59 2.66
N CYS D 36 1.96 -4.51 1.89
CA CYS D 36 1.54 -3.21 2.41
C CYS D 36 0.02 -3.12 2.48
N ASP D 37 -0.47 -2.52 3.57
CA ASP D 37 -1.91 -2.41 3.80
C ASP D 37 -2.39 -0.97 3.92
N VAL D 38 -1.52 0.01 3.68
CA VAL D 38 -1.91 1.41 3.75
C VAL D 38 -1.14 2.18 2.68
N THR D 39 -1.81 3.16 2.07
CA THR D 39 -1.20 4.07 1.12
C THR D 39 -1.45 5.49 1.60
N LEU D 40 -0.38 6.21 1.92
CA LEU D 40 -0.49 7.57 2.45
C LEU D 40 -0.40 8.56 1.30
N GLN D 41 -1.46 9.31 1.07
CA GLN D 41 -1.48 10.38 0.08
C GLN D 41 -1.16 11.70 0.76
N VAL D 42 -0.04 12.30 0.39
CA VAL D 42 0.46 13.51 1.03
C VAL D 42 0.43 14.63 0.02
N LYS D 43 -0.48 15.59 0.21
CA LYS D 43 -0.59 16.77 -0.63
C LYS D 43 -0.52 18.00 0.27
N TYR D 44 0.61 18.69 0.25
CA TYR D 44 0.86 19.84 1.12
C TYR D 44 0.92 21.10 0.28
N GLN D 45 0.04 22.06 0.59
CA GLN D 45 -0.03 23.33 -0.13
C GLN D 45 -0.15 23.10 -1.63
N ASP D 46 0.83 23.55 -2.39
CA ASP D 46 0.89 23.33 -3.83
C ASP D 46 2.06 22.42 -4.23
N ALA D 47 2.65 21.73 -3.25
CA ALA D 47 3.75 20.83 -3.55
C ALA D 47 3.27 19.67 -4.43
N PRO D 48 4.17 19.07 -5.21
CA PRO D 48 3.75 17.94 -6.04
C PRO D 48 3.30 16.76 -5.18
N ALA D 49 2.15 16.20 -5.53
CA ALA D 49 1.56 15.12 -4.74
C ALA D 49 2.49 13.92 -4.68
N ALA D 50 2.39 13.17 -3.59
CA ALA D 50 3.24 12.01 -3.38
C ALA D 50 2.45 10.94 -2.64
N GLN D 51 2.80 9.68 -2.92
CA GLN D 51 2.19 8.53 -2.27
C GLN D 51 3.27 7.69 -1.61
N PHE D 52 2.98 7.20 -0.40
CA PHE D 52 3.90 6.37 0.34
C PHE D 52 3.15 5.15 0.85
N MET D 53 3.51 3.97 0.36
CA MET D 53 2.93 2.72 0.85
C MET D 53 3.78 2.19 2.00
N ALA D 54 3.12 1.64 3.01
CA ALA D 54 3.80 1.13 4.19
C ALA D 54 2.91 0.08 4.84
N HIS D 55 3.41 -0.49 5.94
CA HIS D 55 2.66 -1.46 6.74
C HIS D 55 2.12 -0.74 7.97
N LYS D 56 0.82 -0.91 8.23
CA LYS D 56 0.21 -0.27 9.40
C LYS D 56 0.85 -0.74 10.69
N VAL D 57 1.33 -1.98 10.74
CA VAL D 57 1.96 -2.49 11.94
C VAL D 57 3.24 -1.73 12.25
N VAL D 58 4.06 -1.48 11.22
CA VAL D 58 5.32 -0.79 11.43
C VAL D 58 5.08 0.66 11.84
N LEU D 59 4.12 1.33 11.19
CA LEU D 59 3.85 2.72 11.52
C LEU D 59 3.25 2.84 12.92
N ALA D 60 2.39 1.88 13.31
CA ALA D 60 1.81 1.90 14.64
C ALA D 60 2.85 1.64 15.72
N SER D 61 3.97 0.99 15.37
CA SER D 61 5.00 0.69 16.34
C SER D 61 5.95 1.85 16.58
N SER D 62 5.97 2.83 15.69
CA SER D 62 6.85 3.98 15.83
C SER D 62 6.11 5.28 16.12
N SER D 63 4.78 5.31 15.95
CA SER D 63 4.01 6.53 16.16
C SER D 63 2.72 6.23 16.89
N PRO D 64 2.51 6.80 18.08
CA PRO D 64 1.22 6.61 18.77
C PRO D 64 0.05 7.20 18.02
N VAL D 65 0.28 8.21 17.17
CA VAL D 65 -0.79 8.79 16.37
C VAL D 65 -1.21 7.83 15.28
N PHE D 66 -0.24 7.26 14.56
CA PHE D 66 -0.56 6.26 13.55
C PHE D 66 -1.23 5.05 14.17
N LYS D 67 -0.78 4.64 15.36
CA LYS D 67 -1.42 3.52 16.05
C LYS D 67 -2.87 3.83 16.37
N ALA D 68 -3.14 5.04 16.86
CA ALA D 68 -4.50 5.40 17.23
C ALA D 68 -5.43 5.41 16.03
N MET D 69 -4.96 5.94 14.89
CA MET D 69 -5.80 6.04 13.70
C MET D 69 -5.90 4.73 12.94
N PHE D 70 -5.08 3.74 13.26
CA PHE D 70 -5.17 2.43 12.60
C PHE D 70 -5.85 1.37 13.46
N THR D 71 -6.00 1.60 14.77
CA THR D 71 -6.58 0.62 15.68
C THR D 71 -7.83 1.16 16.38
N ASN D 72 -8.62 1.98 15.68
CA ASN D 72 -9.89 2.45 16.21
C ASN D 72 -10.98 2.22 15.17
N GLY D 73 -12.18 1.91 15.66
CA GLY D 73 -13.30 1.64 14.79
C GLY D 73 -13.05 0.44 13.89
N LEU D 74 -13.81 0.40 12.80
CA LEU D 74 -13.72 -0.67 11.81
C LEU D 74 -12.98 -0.14 10.59
N ARG D 75 -11.74 -0.58 10.40
CA ARG D 75 -10.96 -0.19 9.24
C ARG D 75 -11.15 -1.20 8.12
N GLU D 76 -11.33 -0.70 6.90
CA GLU D 76 -11.49 -1.56 5.74
C GLU D 76 -10.22 -2.37 5.50
N GLN D 77 -10.14 -3.54 6.14
CA GLN D 77 -8.93 -4.35 6.05
C GLN D 77 -8.70 -4.82 4.62
N GLY D 78 -7.53 -4.50 4.09
CA GLY D 78 -7.20 -4.81 2.71
C GLY D 78 -6.15 -3.86 2.16
N MET D 79 -6.58 -2.65 1.81
CA MET D 79 -5.66 -1.58 1.43
C MET D 79 -6.41 -0.26 1.63
N GLU D 80 -6.16 0.40 2.76
CA GLU D 80 -6.82 1.65 3.09
C GLU D 80 -5.98 2.81 2.56
N VAL D 81 -6.62 3.70 1.80
CA VAL D 81 -5.99 4.91 1.31
C VAL D 81 -6.40 6.05 2.24
N VAL D 82 -5.40 6.70 2.83
CA VAL D 82 -5.64 7.72 3.85
C VAL D 82 -5.01 9.03 3.38
N SER D 83 -5.76 10.12 3.49
CA SER D 83 -5.30 11.43 3.06
C SER D 83 -4.60 12.12 4.23
N ILE D 84 -3.35 12.54 4.00
CA ILE D 84 -2.55 13.23 5.01
C ILE D 84 -2.51 14.71 4.67
N GLU D 85 -2.82 15.55 5.64
CA GLU D 85 -2.81 17.00 5.47
C GLU D 85 -1.92 17.64 6.53
N GLY D 86 -1.38 18.81 6.19
CA GLY D 86 -0.60 19.59 7.12
C GLY D 86 0.87 19.24 7.19
N ILE D 87 1.34 18.26 6.43
CA ILE D 87 2.74 17.86 6.43
C ILE D 87 3.22 17.79 4.99
N HIS D 88 4.49 18.14 4.77
CA HIS D 88 5.08 18.13 3.44
C HIS D 88 5.63 16.74 3.12
N PRO D 89 5.51 16.29 1.87
CA PRO D 89 5.98 14.93 1.52
C PRO D 89 7.43 14.66 1.91
N LYS D 90 8.33 15.62 1.70
CA LYS D 90 9.73 15.41 2.05
C LYS D 90 9.92 15.13 3.53
N VAL D 91 9.10 15.76 4.37
CA VAL D 91 9.15 15.47 5.80
C VAL D 91 8.49 14.13 6.10
N MET D 92 7.33 13.87 5.48
CA MET D 92 6.62 12.62 5.70
C MET D 92 7.46 11.42 5.30
N GLU D 93 8.10 11.49 4.13
CA GLU D 93 8.92 10.38 3.65
C GLU D 93 10.06 10.08 4.63
N ARG D 94 10.52 11.09 5.36
CA ARG D 94 11.61 10.88 6.30
C ARG D 94 11.11 10.28 7.61
N LEU D 95 9.94 10.71 8.09
CA LEU D 95 9.35 10.08 9.27
C LEU D 95 9.07 8.61 9.01
N ILE D 96 8.62 8.28 7.81
CA ILE D 96 8.41 6.89 7.44
C ILE D 96 9.73 6.15 7.39
N GLU D 97 10.76 6.77 6.82
CA GLU D 97 12.07 6.14 6.76
C GLU D 97 12.66 5.95 8.15
N PHE D 98 12.36 6.86 9.08
CA PHE D 98 12.78 6.65 10.46
C PHE D 98 12.08 5.45 11.08
N ALA D 99 10.77 5.31 10.80
CA ALA D 99 10.02 4.20 11.37
C ALA D 99 10.53 2.85 10.90
N TYR D 100 11.19 2.81 9.75
CA TYR D 100 11.69 1.57 9.17
C TYR D 100 13.19 1.40 9.32
N THR D 101 13.94 2.45 9.64
CA THR D 101 15.39 2.36 9.78
C THR D 101 15.92 2.87 11.11
N ALA D 102 15.11 3.55 11.93
CA ALA D 102 15.53 4.15 13.19
C ALA D 102 16.60 5.22 13.01
N SER D 103 16.68 5.82 11.82
CA SER D 103 17.65 6.86 11.53
C SER D 103 17.00 7.95 10.69
N ILE D 104 17.36 9.19 10.98
CA ILE D 104 16.78 10.35 10.32
C ILE D 104 17.91 11.32 9.97
N SER D 105 17.79 11.99 8.83
CA SER D 105 18.80 12.93 8.38
C SER D 105 18.16 13.99 7.49
N MET D 106 18.40 15.26 7.81
CA MET D 106 17.84 16.37 7.05
C MET D 106 18.78 17.56 7.13
N GLY D 107 18.45 18.60 6.38
CA GLY D 107 19.25 19.81 6.35
C GLY D 107 19.12 20.62 7.64
N GLU D 108 19.93 21.67 7.71
CA GLU D 108 19.94 22.53 8.89
C GLU D 108 18.74 23.48 8.90
N LYS D 109 18.60 24.29 7.84
CA LYS D 109 17.43 25.13 7.69
C LYS D 109 16.22 24.27 7.33
N CYS D 110 15.86 23.35 8.22
CA CYS D 110 14.90 22.29 7.91
C CYS D 110 14.45 21.59 9.18
N VAL D 111 15.28 21.67 10.23
CA VAL D 111 14.99 20.99 11.49
C VAL D 111 13.63 21.40 12.04
N LEU D 112 13.21 22.64 11.79
CA LEU D 112 11.91 23.08 12.25
C LEU D 112 10.78 22.28 11.61
N HIS D 113 10.94 21.92 10.33
CA HIS D 113 9.85 21.30 9.60
C HIS D 113 9.65 19.84 10.01
N VAL D 114 10.74 19.07 10.13
CA VAL D 114 10.57 17.68 10.50
C VAL D 114 10.23 17.56 11.99
N MET D 115 10.63 18.55 12.80
CA MET D 115 10.23 18.55 14.21
C MET D 115 8.73 18.77 14.35
N ASN D 116 8.15 19.61 13.47
CA ASN D 116 6.72 19.84 13.51
C ASN D 116 5.96 18.58 13.12
N GLY D 117 6.31 17.98 11.99
CA GLY D 117 5.68 16.72 11.59
C GLY D 117 5.92 15.61 12.59
N ALA D 118 7.09 15.61 13.23
CA ALA D 118 7.36 14.65 14.30
C ALA D 118 6.45 14.90 15.49
N VAL D 119 6.25 16.18 15.84
CA VAL D 119 5.28 16.52 16.88
C VAL D 119 3.88 16.14 16.44
N MET D 120 3.59 16.30 15.15
CA MET D 120 2.26 15.95 14.63
C MET D 120 1.96 14.46 14.81
N TYR D 121 2.97 13.61 14.75
CA TYR D 121 2.78 12.17 14.90
C TYR D 121 3.41 11.62 16.17
N GLN D 122 3.82 12.49 17.10
CA GLN D 122 4.25 12.10 18.44
C GLN D 122 5.41 11.11 18.39
N ILE D 123 6.34 11.32 17.46
CA ILE D 123 7.60 10.57 17.45
C ILE D 123 8.54 11.33 18.38
N ASP D 124 8.37 11.10 19.69
CA ASP D 124 9.11 11.84 20.69
C ASP D 124 10.62 11.74 20.48
N SER D 125 11.09 10.58 20.02
CA SER D 125 12.52 10.36 19.82
C SER D 125 13.15 11.47 18.99
N VAL D 126 12.62 11.69 17.77
CA VAL D 126 13.18 12.71 16.90
C VAL D 126 12.68 14.11 17.21
N VAL D 127 11.63 14.24 18.04
CA VAL D 127 11.21 15.56 18.51
C VAL D 127 12.28 16.14 19.44
N ARG D 128 12.73 15.34 20.41
CA ARG D 128 13.73 15.81 21.36
C ARG D 128 15.05 16.09 20.66
N ALA D 129 15.44 15.24 19.70
CA ALA D 129 16.69 15.44 18.99
C ALA D 129 16.69 16.75 18.21
N CYS D 130 15.57 17.09 17.58
CA CYS D 130 15.46 18.36 16.87
C CYS D 130 15.48 19.54 17.84
N ALA D 131 14.73 19.43 18.94
CA ALA D 131 14.74 20.48 19.94
C ALA D 131 16.13 20.66 20.53
N ASP D 132 16.85 19.57 20.75
CA ASP D 132 18.22 19.65 21.26
C ASP D 132 19.22 20.12 20.20
N PHE D 133 18.79 20.27 18.95
CA PHE D 133 19.60 20.91 17.92
C PHE D 133 19.32 22.41 17.80
N LEU D 134 18.05 22.79 17.94
CA LEU D 134 17.69 24.21 17.92
C LEU D 134 18.36 24.95 19.08
N VAL D 135 18.33 24.36 20.28
CA VAL D 135 18.96 24.97 21.44
C VAL D 135 20.47 25.06 21.24
N GLN D 136 21.09 23.94 20.86
CA GLN D 136 22.53 23.92 20.63
C GLN D 136 22.93 24.76 19.41
N GLN D 137 21.98 25.08 18.55
CA GLN D 137 22.22 25.88 17.35
C GLN D 137 23.30 25.27 16.46
N ARG E 9 -35.21 -40.04 48.07
CA ARG E 9 -33.76 -40.07 48.07
C ARG E 9 -33.18 -38.75 47.56
N THR E 10 -31.91 -38.50 47.87
CA THR E 10 -31.21 -37.32 47.42
C THR E 10 -29.80 -37.72 46.99
N PHE E 11 -29.31 -37.09 45.93
CA PHE E 11 -28.00 -37.38 45.37
C PHE E 11 -27.10 -36.17 45.50
N SER E 12 -25.84 -36.40 45.88
CA SER E 12 -24.87 -35.33 46.06
C SER E 12 -23.51 -35.80 45.56
N TYR E 13 -22.98 -35.12 44.56
CA TYR E 13 -21.64 -35.38 44.03
C TYR E 13 -20.74 -34.18 44.29
N THR E 14 -19.44 -34.45 44.40
CA THR E 14 -18.45 -33.38 44.49
C THR E 14 -17.21 -33.87 43.77
N LEU E 15 -16.95 -33.34 42.57
CA LEU E 15 -15.69 -33.61 41.89
C LEU E 15 -14.57 -32.95 42.68
N GLU E 16 -13.73 -33.75 43.31
CA GLU E 16 -12.78 -33.23 44.29
C GLU E 16 -11.79 -32.27 43.64
N ASP E 17 -11.14 -32.69 42.56
CA ASP E 17 -10.12 -31.89 41.90
C ASP E 17 -10.68 -31.04 40.76
N HIS E 18 -11.98 -30.76 40.76
CA HIS E 18 -12.58 -29.99 39.67
C HIS E 18 -11.94 -28.62 39.55
N THR E 19 -11.80 -27.92 40.66
CA THR E 19 -11.28 -26.55 40.63
C THR E 19 -9.85 -26.52 40.12
N LYS E 20 -9.10 -27.62 40.28
CA LYS E 20 -7.76 -27.68 39.72
C LYS E 20 -7.80 -27.79 38.21
N GLN E 21 -8.70 -28.62 37.68
CA GLN E 21 -8.84 -28.75 36.23
C GLN E 21 -9.32 -27.44 35.62
N ALA E 22 -10.44 -26.91 36.14
CA ALA E 22 -11.02 -25.69 35.58
C ALA E 22 -10.00 -24.56 35.51
N PHE E 23 -9.21 -24.39 36.57
CA PHE E 23 -8.18 -23.35 36.54
C PHE E 23 -7.10 -23.65 35.51
N GLY E 24 -6.88 -24.92 35.19
CA GLY E 24 -5.93 -25.27 34.14
C GLY E 24 -6.41 -24.87 32.77
N ILE E 25 -7.73 -25.01 32.52
CA ILE E 25 -8.28 -24.60 31.23
C ILE E 25 -8.29 -23.08 31.12
N MET E 26 -8.55 -22.38 32.23
CA MET E 26 -8.46 -20.92 32.21
C MET E 26 -7.05 -20.44 31.92
N ASN E 27 -6.03 -21.20 32.33
CA ASN E 27 -4.66 -20.84 31.99
C ASN E 27 -4.39 -21.02 30.50
N GLU E 28 -4.99 -22.03 29.88
CA GLU E 28 -4.85 -22.21 28.44
C GLU E 28 -5.60 -21.14 27.66
N LEU E 29 -6.62 -20.52 28.25
CA LEU E 29 -7.29 -19.41 27.60
C LEU E 29 -6.49 -18.12 27.72
N ARG E 30 -5.84 -17.91 28.87
CA ARG E 30 -4.99 -16.74 29.03
C ARG E 30 -3.75 -16.83 28.15
N LEU E 31 -3.11 -18.01 28.11
CA LEU E 31 -1.92 -18.19 27.31
C LEU E 31 -2.19 -18.09 25.81
N SER E 32 -3.44 -18.23 25.40
CA SER E 32 -3.84 -18.10 24.00
C SER E 32 -4.65 -16.84 23.73
N GLN E 33 -4.87 -16.01 24.74
CA GLN E 33 -5.61 -14.74 24.61
C GLN E 33 -7.03 -14.98 24.10
N GLN E 34 -7.80 -15.70 24.91
CA GLN E 34 -9.20 -15.99 24.61
C GLN E 34 -10.06 -15.55 25.79
N LEU E 35 -11.14 -14.83 25.50
CA LEU E 35 -12.08 -14.30 26.49
C LEU E 35 -11.42 -13.33 27.47
N CYS E 36 -10.27 -12.77 27.10
CA CYS E 36 -9.58 -11.82 27.97
C CYS E 36 -10.26 -10.46 27.89
N ASP E 37 -10.58 -9.90 29.06
CA ASP E 37 -11.25 -8.61 29.13
C ASP E 37 -10.46 -7.56 29.90
N VAL E 38 -9.20 -7.85 30.24
CA VAL E 38 -8.33 -6.87 30.87
C VAL E 38 -6.95 -6.98 30.22
N THR E 39 -6.28 -5.82 30.08
CA THR E 39 -4.99 -5.73 29.41
C THR E 39 -4.01 -5.07 30.37
N LEU E 40 -3.10 -5.85 30.93
CA LEU E 40 -2.14 -5.35 31.90
C LEU E 40 -0.91 -4.85 31.14
N GLN E 41 -0.67 -3.54 31.19
CA GLN E 41 0.50 -2.93 30.57
C GLN E 41 1.45 -2.51 31.68
N VAL E 42 2.62 -3.16 31.73
CA VAL E 42 3.59 -2.95 32.81
C VAL E 42 4.78 -2.19 32.24
N LYS E 43 5.17 -1.12 32.92
CA LYS E 43 6.36 -0.35 32.56
C LYS E 43 7.21 -0.17 33.82
N TYR E 44 8.51 -0.44 33.69
CA TYR E 44 9.44 -0.35 34.80
C TYR E 44 10.58 0.59 34.42
N GLN E 45 11.29 1.06 35.45
CA GLN E 45 12.40 1.99 35.27
C GLN E 45 13.49 1.37 34.40
N ASP E 46 13.67 1.91 33.19
CA ASP E 46 14.68 1.44 32.24
C ASP E 46 14.50 -0.05 31.94
N ALA E 47 13.27 -0.43 31.60
CA ALA E 47 12.92 -1.80 31.28
C ALA E 47 11.95 -1.80 30.11
N PRO E 48 12.01 -2.82 29.26
CA PRO E 48 11.07 -2.90 28.13
C PRO E 48 9.64 -3.05 28.61
N ALA E 49 8.74 -2.29 27.97
CA ALA E 49 7.33 -2.33 28.34
C ALA E 49 6.73 -3.69 27.98
N ALA E 50 6.17 -4.38 28.97
CA ALA E 50 5.57 -5.68 28.79
C ALA E 50 4.05 -5.59 28.87
N GLN E 51 3.39 -6.57 28.25
CA GLN E 51 1.94 -6.64 28.20
C GLN E 51 1.48 -8.04 28.57
N PHE E 52 0.45 -8.11 29.42
CA PHE E 52 -0.13 -9.38 29.84
C PHE E 52 -1.64 -9.30 29.76
N MET E 53 -2.25 -10.25 29.03
CA MET E 53 -3.69 -10.35 28.95
C MET E 53 -4.20 -11.32 30.00
N ALA E 54 -5.41 -11.06 30.50
CA ALA E 54 -5.98 -11.88 31.56
C ALA E 54 -7.49 -11.69 31.56
N HIS E 55 -8.16 -12.43 32.44
CA HIS E 55 -9.60 -12.34 32.63
C HIS E 55 -9.88 -11.62 33.95
N LYS E 56 -10.83 -10.70 33.92
CA LYS E 56 -11.10 -9.87 35.09
C LYS E 56 -11.54 -10.71 36.29
N VAL E 57 -12.46 -11.65 36.06
CA VAL E 57 -13.00 -12.44 37.16
C VAL E 57 -11.93 -13.34 37.79
N VAL E 58 -10.88 -13.68 37.05
CA VAL E 58 -9.83 -14.53 37.62
C VAL E 58 -8.90 -13.70 38.50
N LEU E 59 -8.51 -12.50 38.04
CA LEU E 59 -7.70 -11.63 38.88
C LEU E 59 -8.46 -11.18 40.11
N ALA E 60 -9.79 -11.05 40.01
CA ALA E 60 -10.58 -10.67 41.17
C ALA E 60 -10.60 -11.77 42.23
N SER E 61 -10.41 -13.02 41.81
CA SER E 61 -10.43 -14.14 42.75
C SER E 61 -9.12 -14.31 43.51
N SER E 62 -8.04 -13.67 43.04
CA SER E 62 -6.73 -13.83 43.66
C SER E 62 -6.25 -12.59 44.40
N SER E 63 -6.74 -11.40 44.04
CA SER E 63 -6.26 -10.19 44.67
C SER E 63 -7.41 -9.22 44.93
N PRO E 64 -7.60 -8.79 46.18
CA PRO E 64 -8.71 -7.87 46.48
C PRO E 64 -8.60 -6.53 45.76
N VAL E 65 -7.39 -6.09 45.43
CA VAL E 65 -7.25 -4.80 44.76
C VAL E 65 -7.75 -4.89 43.32
N PHE E 66 -7.37 -5.95 42.61
CA PHE E 66 -7.91 -6.16 41.27
C PHE E 66 -9.42 -6.30 41.31
N LYS E 67 -9.96 -6.92 42.37
CA LYS E 67 -11.41 -7.04 42.52
C LYS E 67 -12.06 -5.67 42.59
N ALA E 68 -11.59 -4.82 43.50
CA ALA E 68 -12.16 -3.48 43.64
C ALA E 68 -11.85 -2.59 42.44
N MET E 69 -10.80 -2.91 41.67
CA MET E 69 -10.48 -2.10 40.50
C MET E 69 -11.48 -2.31 39.38
N PHE E 70 -12.03 -3.52 39.26
CA PHE E 70 -12.95 -3.85 38.19
C PHE E 70 -14.41 -3.85 38.60
N THR E 71 -14.72 -3.65 39.89
CA THR E 71 -16.07 -3.77 40.39
C THR E 71 -16.67 -2.43 40.81
N ASN E 72 -16.08 -1.78 41.81
CA ASN E 72 -16.66 -0.58 42.41
C ASN E 72 -16.71 0.56 41.39
N GLY E 73 -17.92 0.92 40.97
CA GLY E 73 -18.13 2.02 40.05
C GLY E 73 -18.97 1.61 38.86
N LEU E 74 -19.16 2.57 37.96
CA LEU E 74 -19.89 2.36 36.71
C LEU E 74 -18.92 2.58 35.55
N ARG E 75 -18.58 1.51 34.85
CA ARG E 75 -17.62 1.54 33.76
C ARG E 75 -18.34 1.39 32.42
N GLU E 76 -17.55 1.48 31.35
CA GLU E 76 -18.03 1.20 30.00
C GLU E 76 -17.59 -0.21 29.62
N GLN E 77 -18.56 -1.08 29.36
CA GLN E 77 -18.26 -2.49 29.11
C GLN E 77 -17.32 -2.63 27.93
N GLY E 78 -16.14 -3.18 28.18
CA GLY E 78 -15.15 -3.35 27.14
C GLY E 78 -13.82 -3.76 27.75
N MET E 79 -12.78 -3.73 26.91
CA MET E 79 -11.44 -4.10 27.34
C MET E 79 -10.84 -2.99 28.17
N GLU E 80 -10.57 -3.27 29.44
CA GLU E 80 -9.97 -2.30 30.34
C GLU E 80 -8.46 -2.47 30.31
N VAL E 81 -7.75 -1.39 30.01
CA VAL E 81 -6.29 -1.38 29.97
C VAL E 81 -5.82 -0.66 31.23
N VAL E 82 -5.33 -1.43 32.20
CA VAL E 82 -4.73 -0.84 33.39
C VAL E 82 -3.23 -0.70 33.14
N SER E 83 -2.69 0.46 33.51
CA SER E 83 -1.27 0.74 33.36
C SER E 83 -0.66 0.77 34.74
N ILE E 84 0.33 -0.09 34.97
CA ILE E 84 0.86 -0.31 36.29
C ILE E 84 2.37 -0.04 36.26
N GLU E 85 2.75 1.14 36.73
CA GLU E 85 4.15 1.51 36.86
C GLU E 85 4.65 1.17 38.26
N GLY E 86 5.95 0.94 38.37
CA GLY E 86 6.61 0.76 39.64
C GLY E 86 7.07 -0.66 39.92
N ILE E 87 6.59 -1.64 39.16
CA ILE E 87 6.93 -3.03 39.39
C ILE E 87 7.47 -3.65 38.11
N HIS E 88 8.37 -4.61 38.26
CA HIS E 88 9.08 -5.22 37.14
C HIS E 88 8.19 -6.24 36.45
N PRO E 89 8.26 -6.32 35.11
CA PRO E 89 7.42 -7.29 34.39
C PRO E 89 7.55 -8.72 34.86
N LYS E 90 8.76 -9.18 35.18
CA LYS E 90 8.95 -10.55 35.63
C LYS E 90 8.28 -10.81 36.97
N VAL E 91 7.91 -9.76 37.70
CA VAL E 91 7.21 -9.94 38.97
C VAL E 91 5.71 -10.13 38.73
N MET E 92 5.14 -9.36 37.79
CA MET E 92 3.72 -9.52 37.49
C MET E 92 3.45 -10.81 36.75
N GLU E 93 4.37 -11.23 35.87
CA GLU E 93 4.20 -12.50 35.19
C GLU E 93 4.13 -13.65 36.19
N ARG E 94 4.86 -13.54 37.30
CA ARG E 94 4.78 -14.55 38.35
C ARG E 94 3.46 -14.45 39.11
N LEU E 95 3.09 -13.23 39.54
CA LEU E 95 1.86 -13.05 40.32
C LEU E 95 0.63 -13.45 39.51
N ILE E 96 0.60 -13.09 38.23
CA ILE E 96 -0.48 -13.55 37.36
C ILE E 96 -0.43 -15.05 37.19
N GLU E 97 0.77 -15.61 37.06
CA GLU E 97 0.92 -17.06 36.93
C GLU E 97 0.41 -17.77 38.17
N PHE E 98 0.67 -17.21 39.36
CA PHE E 98 0.12 -17.79 40.58
C PHE E 98 -1.40 -17.69 40.60
N ALA E 99 -1.94 -16.57 40.11
CA ALA E 99 -3.39 -16.38 40.11
C ALA E 99 -4.12 -17.39 39.24
N TYR E 100 -3.41 -18.02 38.29
CA TYR E 100 -4.03 -18.96 37.37
C TYR E 100 -3.66 -20.41 37.61
N THR E 101 -2.54 -20.68 38.27
CA THR E 101 -2.08 -22.05 38.50
C THR E 101 -1.89 -22.40 39.97
N ALA E 102 -2.04 -21.45 40.89
CA ALA E 102 -1.80 -21.60 42.32
C ALA E 102 -0.35 -21.94 42.65
N SER E 103 0.57 -21.74 41.72
CA SER E 103 1.98 -22.04 41.94
C SER E 103 2.83 -20.86 41.50
N ILE E 104 3.93 -20.64 42.23
CA ILE E 104 4.87 -19.58 41.94
C ILE E 104 6.28 -20.07 42.25
N SER E 105 7.24 -19.73 41.39
CA SER E 105 8.62 -20.16 41.56
C SER E 105 9.54 -19.01 41.18
N MET E 106 10.57 -18.78 41.99
CA MET E 106 11.48 -17.67 41.80
C MET E 106 12.83 -17.99 42.41
N GLY E 107 13.76 -17.05 42.26
CA GLY E 107 15.10 -17.18 42.80
C GLY E 107 15.28 -16.31 44.05
N GLU E 108 16.42 -16.53 44.72
CA GLU E 108 16.68 -15.85 45.98
C GLU E 108 16.76 -14.34 45.80
N LYS E 109 17.28 -13.88 44.66
CA LYS E 109 17.45 -12.45 44.45
C LYS E 109 16.15 -11.83 43.96
N CYS E 110 15.03 -12.49 44.23
CA CYS E 110 13.73 -12.03 43.74
C CYS E 110 12.63 -12.10 44.77
N VAL E 111 12.84 -12.74 45.93
CA VAL E 111 11.78 -12.87 46.93
C VAL E 111 11.33 -11.50 47.41
N LEU E 112 12.28 -10.57 47.57
CA LEU E 112 11.92 -9.23 48.01
C LEU E 112 11.06 -8.51 46.97
N HIS E 113 11.41 -8.65 45.69
CA HIS E 113 10.67 -7.94 44.64
C HIS E 113 9.33 -8.60 44.37
N VAL E 114 9.27 -9.93 44.42
CA VAL E 114 7.99 -10.62 44.25
C VAL E 114 7.07 -10.36 45.42
N MET E 115 7.64 -10.30 46.64
CA MET E 115 6.86 -9.88 47.80
C MET E 115 6.34 -8.46 47.61
N ASN E 116 7.21 -7.54 47.20
CA ASN E 116 6.81 -6.14 47.02
C ASN E 116 5.61 -6.03 46.08
N GLY E 117 5.62 -6.80 44.99
CA GLY E 117 4.48 -6.78 44.08
C GLY E 117 3.25 -7.43 44.68
N ALA E 118 3.44 -8.51 45.42
CA ALA E 118 2.30 -9.20 46.01
C ALA E 118 1.69 -8.41 47.17
N VAL E 119 2.51 -7.68 47.93
CA VAL E 119 1.96 -6.76 48.92
C VAL E 119 1.19 -5.64 48.24
N MET E 120 1.69 -5.16 47.10
CA MET E 120 0.98 -4.11 46.36
C MET E 120 -0.37 -4.59 45.87
N TYR E 121 -0.53 -5.90 45.68
CA TYR E 121 -1.78 -6.47 45.19
C TYR E 121 -2.48 -7.36 46.21
N GLN E 122 -2.02 -7.36 47.47
CA GLN E 122 -2.71 -8.02 48.57
C GLN E 122 -2.97 -9.50 48.30
N ILE E 123 -2.02 -10.14 47.60
CA ILE E 123 -2.11 -11.59 47.39
C ILE E 123 -1.44 -12.22 48.62
N ASP E 124 -2.23 -12.31 49.70
CA ASP E 124 -1.68 -12.68 51.01
C ASP E 124 -1.01 -14.05 51.00
N SER E 125 -1.43 -14.92 50.09
CA SER E 125 -0.88 -16.29 50.08
C SER E 125 0.61 -16.27 49.81
N VAL E 126 1.08 -15.45 48.88
CA VAL E 126 2.49 -15.46 48.55
C VAL E 126 3.29 -14.45 49.38
N VAL E 127 2.66 -13.37 49.87
CA VAL E 127 3.37 -12.47 50.76
C VAL E 127 3.80 -13.20 52.02
N ARG E 128 3.01 -14.19 52.45
CA ARG E 128 3.39 -15.01 53.59
C ARG E 128 4.56 -15.91 53.23
N ALA E 129 4.44 -16.65 52.12
CA ALA E 129 5.50 -17.58 51.73
C ALA E 129 6.79 -16.87 51.37
N CYS E 130 6.70 -15.63 50.87
CA CYS E 130 7.91 -14.88 50.55
C CYS E 130 8.64 -14.45 51.80
N ALA E 131 7.91 -13.91 52.77
CA ALA E 131 8.54 -13.49 54.03
C ALA E 131 9.09 -14.69 54.80
N ASP E 132 8.44 -15.84 54.69
CA ASP E 132 8.93 -17.03 55.38
C ASP E 132 10.21 -17.57 54.73
N PHE E 133 10.40 -17.31 53.44
CA PHE E 133 11.65 -17.72 52.81
C PHE E 133 12.78 -16.74 53.14
N LEU E 134 12.48 -15.44 53.14
CA LEU E 134 13.50 -14.45 53.46
C LEU E 134 14.01 -14.62 54.89
N VAL E 135 13.10 -14.86 55.83
CA VAL E 135 13.49 -15.02 57.23
C VAL E 135 14.27 -16.31 57.43
N GLN E 136 13.87 -17.38 56.75
CA GLN E 136 14.51 -18.68 56.90
C GLN E 136 15.80 -18.82 56.09
N GLN E 137 16.37 -17.72 55.60
CA GLN E 137 17.62 -17.79 54.85
C GLN E 137 18.58 -16.68 55.26
N LEU E 138 18.41 -16.14 56.47
CA LEU E 138 19.27 -15.07 56.95
C LEU E 138 20.65 -15.59 57.34
N ARG F 9 -64.55 16.44 -27.31
CA ARG F 9 -63.48 15.75 -26.60
C ARG F 9 -62.11 16.21 -27.07
N THR F 10 -61.25 16.60 -26.13
CA THR F 10 -59.87 16.96 -26.39
C THR F 10 -58.97 16.15 -25.47
N PHE F 11 -57.94 15.53 -26.04
CA PHE F 11 -57.05 14.63 -25.33
C PHE F 11 -55.68 15.26 -25.16
N SER F 12 -55.08 15.07 -23.99
CA SER F 12 -53.77 15.60 -23.67
C SER F 12 -52.90 14.50 -23.05
N TYR F 13 -51.59 14.66 -23.19
CA TYR F 13 -50.63 13.67 -22.71
C TYR F 13 -49.34 14.35 -22.32
N THR F 14 -48.63 13.76 -21.36
CA THR F 14 -47.36 14.31 -20.89
C THR F 14 -46.50 13.17 -20.36
N LEU F 15 -45.30 13.03 -20.92
CA LEU F 15 -44.31 12.07 -20.43
C LEU F 15 -43.26 12.86 -19.63
N GLU F 16 -43.20 12.58 -18.32
CA GLU F 16 -42.37 13.41 -17.44
C GLU F 16 -40.89 13.16 -17.68
N ASP F 17 -40.46 11.90 -17.63
CA ASP F 17 -39.04 11.60 -17.78
C ASP F 17 -38.52 11.78 -19.20
N HIS F 18 -39.37 12.19 -20.15
CA HIS F 18 -38.94 12.33 -21.54
C HIS F 18 -37.73 13.23 -21.66
N THR F 19 -37.76 14.39 -20.99
CA THR F 19 -36.61 15.28 -20.98
C THR F 19 -35.36 14.58 -20.47
N LYS F 20 -35.51 13.70 -19.47
CA LYS F 20 -34.38 12.93 -18.98
C LYS F 20 -33.96 11.87 -19.99
N GLN F 21 -34.92 11.19 -20.62
CA GLN F 21 -34.58 10.19 -21.63
C GLN F 21 -33.96 10.84 -22.86
N ALA F 22 -34.55 11.94 -23.33
CA ALA F 22 -34.02 12.62 -24.51
C ALA F 22 -32.58 13.05 -24.29
N PHE F 23 -32.32 13.74 -23.17
CA PHE F 23 -30.96 14.17 -22.86
C PHE F 23 -30.01 12.99 -22.74
N GLY F 24 -30.50 11.84 -22.29
CA GLY F 24 -29.67 10.64 -22.28
C GLY F 24 -29.26 10.22 -23.69
N ILE F 25 -30.17 10.34 -24.65
CA ILE F 25 -29.84 10.04 -26.04
C ILE F 25 -28.92 11.13 -26.61
N MET F 26 -29.21 12.39 -26.29
CA MET F 26 -28.35 13.47 -26.75
C MET F 26 -26.94 13.35 -26.17
N ASN F 27 -26.84 12.93 -24.91
CA ASN F 27 -25.54 12.66 -24.33
C ASN F 27 -24.87 11.48 -25.01
N GLU F 28 -25.64 10.45 -25.35
CA GLU F 28 -25.10 9.32 -26.10
C GLU F 28 -24.58 9.78 -27.46
N LEU F 29 -25.29 10.70 -28.12
CA LEU F 29 -24.84 11.20 -29.41
C LEU F 29 -23.58 12.04 -29.26
N ARG F 30 -23.42 12.74 -28.14
CA ARG F 30 -22.22 13.55 -27.92
C ARG F 30 -21.00 12.66 -27.71
N LEU F 31 -21.15 11.56 -26.97
CA LEU F 31 -20.02 10.66 -26.77
C LEU F 31 -19.69 9.89 -28.04
N SER F 32 -20.66 9.69 -28.92
CA SER F 32 -20.40 9.08 -30.22
C SER F 32 -19.94 10.09 -31.26
N GLN F 33 -19.86 11.37 -30.90
CA GLN F 33 -19.40 12.44 -31.79
C GLN F 33 -20.26 12.49 -33.06
N GLN F 34 -21.57 12.49 -32.87
CA GLN F 34 -22.53 12.51 -33.97
C GLN F 34 -23.43 13.74 -33.84
N LEU F 35 -23.73 14.35 -34.99
CA LEU F 35 -24.58 15.53 -35.10
C LEU F 35 -23.99 16.74 -34.37
N CYS F 36 -22.71 16.72 -34.07
CA CYS F 36 -22.06 17.84 -33.40
C CYS F 36 -21.76 18.95 -34.40
N ASP F 37 -21.90 20.20 -33.95
CA ASP F 37 -21.63 21.36 -34.79
C ASP F 37 -20.69 22.36 -34.11
N VAL F 38 -19.96 21.93 -33.09
CA VAL F 38 -18.98 22.80 -32.43
C VAL F 38 -17.94 21.92 -31.75
N THR F 39 -16.67 22.31 -31.90
CA THR F 39 -15.57 21.76 -31.12
C THR F 39 -14.94 22.90 -30.33
N LEU F 40 -14.95 22.77 -29.01
CA LEU F 40 -14.32 23.76 -28.14
C LEU F 40 -12.88 23.32 -27.88
N GLN F 41 -11.93 24.09 -28.40
CA GLN F 41 -10.50 23.81 -28.20
C GLN F 41 -10.02 24.72 -27.06
N VAL F 42 -10.06 24.18 -25.84
CA VAL F 42 -9.75 24.94 -24.64
C VAL F 42 -8.30 24.70 -24.27
N LYS F 43 -7.53 25.79 -24.16
CA LYS F 43 -6.13 25.74 -23.75
C LYS F 43 -5.95 26.58 -22.49
N TYR F 44 -5.33 25.99 -21.48
CA TYR F 44 -5.06 26.66 -20.21
C TYR F 44 -3.56 26.73 -19.98
N GLN F 45 -3.18 27.42 -18.91
CA GLN F 45 -1.77 27.60 -18.58
C GLN F 45 -1.10 26.27 -18.26
N ASP F 46 -0.14 25.88 -19.09
CA ASP F 46 0.63 24.63 -18.96
C ASP F 46 -0.25 23.47 -18.51
N ALA F 47 -1.39 23.32 -19.19
CA ALA F 47 -2.31 22.23 -18.93
C ALA F 47 -2.52 21.41 -20.19
N PRO F 48 -2.73 20.09 -20.06
CA PRO F 48 -2.96 19.26 -21.24
C PRO F 48 -4.15 19.75 -22.06
N ALA F 49 -3.86 20.35 -23.21
CA ALA F 49 -4.90 20.90 -24.06
C ALA F 49 -5.88 19.82 -24.49
N ALA F 50 -7.16 20.16 -24.51
CA ALA F 50 -8.22 19.22 -24.83
C ALA F 50 -9.23 19.89 -25.75
N GLN F 51 -10.06 19.06 -26.38
CA GLN F 51 -11.15 19.55 -27.21
C GLN F 51 -12.39 18.72 -26.93
N PHE F 52 -13.55 19.39 -26.90
CA PHE F 52 -14.82 18.74 -26.61
C PHE F 52 -15.80 19.02 -27.74
N MET F 53 -16.49 17.97 -28.16
CA MET F 53 -17.49 18.07 -29.21
C MET F 53 -18.88 18.09 -28.57
N ALA F 54 -19.67 19.09 -28.94
CA ALA F 54 -21.02 19.23 -28.41
C ALA F 54 -21.90 19.83 -29.50
N HIS F 55 -23.19 19.95 -29.20
CA HIS F 55 -24.14 20.58 -30.11
C HIS F 55 -24.46 21.98 -29.63
N LYS F 56 -24.61 22.91 -30.59
CA LYS F 56 -24.80 24.31 -30.24
C LYS F 56 -26.10 24.54 -29.48
N VAL F 57 -27.15 23.78 -29.78
CA VAL F 57 -28.46 24.04 -29.19
C VAL F 57 -28.52 23.58 -27.74
N VAL F 58 -27.91 22.43 -27.42
CA VAL F 58 -27.98 21.93 -26.05
C VAL F 58 -27.10 22.77 -25.13
N LEU F 59 -25.94 23.21 -25.63
CA LEU F 59 -25.10 24.11 -24.85
C LEU F 59 -25.83 25.42 -24.58
N ALA F 60 -26.59 25.92 -25.55
CA ALA F 60 -27.32 27.16 -25.37
C ALA F 60 -28.43 27.03 -24.35
N SER F 61 -28.98 25.82 -24.19
CA SER F 61 -30.08 25.62 -23.25
C SER F 61 -29.62 25.53 -21.81
N SER F 62 -28.32 25.32 -21.57
CA SER F 62 -27.78 25.23 -20.23
C SER F 62 -26.97 26.44 -19.81
N SER F 63 -26.45 27.22 -20.76
CA SER F 63 -25.61 28.36 -20.44
C SER F 63 -26.01 29.58 -21.27
N PRO F 64 -26.36 30.70 -20.64
CA PRO F 64 -26.69 31.90 -21.42
C PRO F 64 -25.51 32.45 -22.20
N VAL F 65 -24.28 32.22 -21.74
CA VAL F 65 -23.12 32.69 -22.49
C VAL F 65 -22.96 31.90 -23.78
N PHE F 66 -23.07 30.58 -23.70
CA PHE F 66 -23.01 29.75 -24.90
C PHE F 66 -24.10 30.12 -25.89
N LYS F 67 -25.27 30.54 -25.39
CA LYS F 67 -26.34 31.00 -26.27
C LYS F 67 -25.92 32.25 -27.03
N ALA F 68 -25.42 33.26 -26.31
CA ALA F 68 -25.02 34.50 -26.95
C ALA F 68 -23.84 34.32 -27.89
N MET F 69 -23.06 33.25 -27.73
CA MET F 69 -21.91 33.02 -28.58
C MET F 69 -22.29 32.32 -29.88
N PHE F 70 -23.35 31.50 -29.87
CA PHE F 70 -23.72 30.70 -31.02
C PHE F 70 -24.87 31.27 -31.84
N THR F 71 -25.51 32.35 -31.38
CA THR F 71 -26.61 32.97 -32.11
C THR F 71 -26.28 34.33 -32.68
N ASN F 72 -25.49 35.14 -31.97
CA ASN F 72 -25.08 36.44 -32.48
C ASN F 72 -23.85 36.30 -33.36
N GLY F 73 -23.84 37.03 -34.48
CA GLY F 73 -22.74 36.97 -35.42
C GLY F 73 -22.92 35.91 -36.47
N LEU F 74 -21.83 35.39 -37.01
CA LEU F 74 -21.88 34.38 -38.07
C LEU F 74 -22.47 33.07 -37.56
N GLN F 77 -23.42 27.03 -39.31
CA GLN F 77 -23.56 26.78 -40.73
C GLN F 77 -22.66 25.63 -41.18
N GLY F 78 -22.28 24.79 -40.23
CA GLY F 78 -21.43 23.66 -40.53
C GLY F 78 -20.76 23.06 -39.31
N MET F 79 -19.58 23.56 -38.96
CA MET F 79 -18.84 22.99 -37.83
C MET F 79 -17.87 24.07 -37.34
N GLU F 80 -18.27 24.77 -36.29
CA GLU F 80 -17.49 25.89 -35.75
C GLU F 80 -16.48 25.37 -34.72
N VAL F 81 -15.21 25.71 -34.93
CA VAL F 81 -14.14 25.34 -34.01
C VAL F 81 -13.81 26.60 -33.21
N VAL F 82 -14.25 26.64 -31.96
CA VAL F 82 -14.08 27.79 -31.09
C VAL F 82 -12.98 27.49 -30.09
N SER F 83 -12.05 28.44 -29.92
CA SER F 83 -10.99 28.34 -28.94
C SER F 83 -11.35 29.18 -27.73
N ILE F 84 -11.41 28.54 -26.55
CA ILE F 84 -11.81 29.21 -25.32
C ILE F 84 -10.64 29.13 -24.34
N GLU F 85 -10.16 30.28 -23.89
CA GLU F 85 -9.12 30.37 -22.88
C GLU F 85 -9.68 30.99 -21.62
N GLY F 86 -8.95 30.81 -20.52
CA GLY F 86 -9.37 31.32 -19.23
C GLY F 86 -10.11 30.33 -18.36
N ILE F 87 -10.38 29.12 -18.85
CA ILE F 87 -11.02 28.08 -18.08
C ILE F 87 -10.22 26.79 -18.26
N HIS F 88 -10.08 26.03 -17.18
CA HIS F 88 -9.29 24.81 -17.23
C HIS F 88 -10.04 23.72 -17.99
N PRO F 89 -9.36 22.94 -18.82
CA PRO F 89 -10.04 21.86 -19.56
C PRO F 89 -10.88 20.94 -18.68
N LYS F 90 -10.37 20.55 -17.52
CA LYS F 90 -11.14 19.68 -16.63
C LYS F 90 -12.39 20.37 -16.11
N VAL F 91 -12.41 21.70 -16.07
CA VAL F 91 -13.60 22.42 -15.65
C VAL F 91 -14.63 22.47 -16.78
N MET F 92 -14.17 22.71 -18.01
CA MET F 92 -15.08 22.75 -19.16
C MET F 92 -15.78 21.42 -19.34
N GLU F 93 -15.07 20.32 -19.12
CA GLU F 93 -15.69 19.00 -19.23
C GLU F 93 -16.78 18.80 -18.18
N ARG F 94 -16.50 19.22 -16.94
CA ARG F 94 -17.49 19.07 -15.87
C ARG F 94 -18.71 19.94 -16.13
N LEU F 95 -18.53 21.09 -16.78
CA LEU F 95 -19.67 21.93 -17.13
C LEU F 95 -20.46 21.34 -18.28
N ILE F 96 -19.76 20.86 -19.32
CA ILE F 96 -20.43 20.24 -20.46
C ILE F 96 -21.21 19.01 -20.01
N GLU F 97 -20.60 18.20 -19.13
CA GLU F 97 -21.29 17.03 -18.61
C GLU F 97 -22.53 17.41 -17.82
N PHE F 98 -22.50 18.54 -17.11
CA PHE F 98 -23.70 19.02 -16.44
C PHE F 98 -24.78 19.40 -17.44
N ALA F 99 -24.39 20.02 -18.56
CA ALA F 99 -25.37 20.44 -19.55
C ALA F 99 -26.13 19.24 -20.13
N TYR F 100 -25.45 18.10 -20.24
CA TYR F 100 -26.07 16.92 -20.84
C TYR F 100 -26.67 15.96 -19.81
N THR F 101 -26.08 15.88 -18.62
CA THR F 101 -26.50 14.90 -17.62
C THR F 101 -27.15 15.52 -16.39
N ALA F 102 -27.21 16.84 -16.30
CA ALA F 102 -27.82 17.55 -15.17
C ALA F 102 -27.17 17.21 -13.84
N SER F 103 -25.95 16.67 -13.86
CA SER F 103 -25.25 16.29 -12.64
C SER F 103 -23.79 16.68 -12.76
N ILE F 104 -23.20 17.06 -11.63
CA ILE F 104 -21.79 17.40 -11.54
C ILE F 104 -21.21 16.70 -10.33
N SER F 105 -19.95 16.28 -10.42
CA SER F 105 -19.30 15.54 -9.34
C SER F 105 -17.81 15.77 -9.42
N MET F 106 -17.22 16.25 -8.33
CA MET F 106 -15.82 16.65 -8.31
C MET F 106 -15.25 16.37 -6.94
N GLY F 107 -14.03 16.84 -6.69
CA GLY F 107 -13.41 16.77 -5.38
C GLY F 107 -13.48 18.12 -4.67
N GLU F 108 -13.30 18.06 -3.35
CA GLU F 108 -13.43 19.26 -2.52
C GLU F 108 -12.45 20.35 -2.95
N LYS F 109 -11.23 19.96 -3.33
CA LYS F 109 -10.20 20.92 -3.72
C LYS F 109 -10.46 21.55 -5.08
N CYS F 110 -11.50 21.13 -5.79
CA CYS F 110 -11.79 21.62 -7.14
C CYS F 110 -13.11 22.36 -7.24
N VAL F 111 -13.83 22.56 -6.14
CA VAL F 111 -15.18 23.12 -6.23
C VAL F 111 -15.14 24.61 -6.51
N LEU F 112 -14.09 25.31 -6.07
CA LEU F 112 -14.02 26.74 -6.34
C LEU F 112 -13.65 27.02 -7.79
N HIS F 113 -12.79 26.18 -8.37
CA HIS F 113 -12.44 26.33 -9.78
C HIS F 113 -13.65 26.13 -10.68
N VAL F 114 -14.53 25.19 -10.31
CA VAL F 114 -15.72 24.96 -11.12
C VAL F 114 -16.72 26.09 -10.92
N MET F 115 -16.93 26.51 -9.67
CA MET F 115 -17.82 27.64 -9.40
C MET F 115 -17.38 28.87 -10.19
N ASN F 116 -16.06 29.12 -10.25
CA ASN F 116 -15.55 30.24 -11.02
C ASN F 116 -15.84 30.05 -12.51
N GLY F 117 -15.48 28.89 -13.05
CA GLY F 117 -15.83 28.60 -14.43
C GLY F 117 -17.32 28.60 -14.68
N ALA F 118 -18.10 28.22 -13.66
CA ALA F 118 -19.55 28.32 -13.77
C ALA F 118 -20.00 29.77 -13.85
N VAL F 119 -19.36 30.65 -13.08
CA VAL F 119 -19.65 32.08 -13.17
C VAL F 119 -19.35 32.59 -14.57
N MET F 120 -18.24 32.12 -15.16
CA MET F 120 -17.83 32.58 -16.47
C MET F 120 -18.85 32.25 -17.54
N TYR F 121 -19.71 31.26 -17.32
CA TYR F 121 -20.73 30.86 -18.30
C TYR F 121 -22.15 31.05 -17.79
N GLN F 122 -22.34 31.73 -16.65
CA GLN F 122 -23.65 32.07 -16.12
C GLN F 122 -24.54 30.85 -15.92
N ILE F 123 -23.94 29.70 -15.64
CA ILE F 123 -24.70 28.48 -15.36
C ILE F 123 -25.15 28.55 -13.90
N ASP F 124 -26.06 29.48 -13.61
CA ASP F 124 -26.49 29.85 -12.26
C ASP F 124 -26.73 28.65 -11.34
N SER F 125 -27.17 27.52 -11.91
CA SER F 125 -27.53 26.37 -11.11
C SER F 125 -26.34 25.84 -10.32
N VAL F 126 -25.26 25.47 -11.01
CA VAL F 126 -24.10 24.93 -10.32
C VAL F 126 -23.27 26.02 -9.64
N VAL F 127 -23.48 27.29 -9.97
CA VAL F 127 -22.84 28.37 -9.21
C VAL F 127 -23.36 28.38 -7.77
N ARG F 128 -24.68 28.49 -7.61
CA ARG F 128 -25.26 28.54 -6.27
C ARG F 128 -25.05 27.23 -5.53
N ALA F 129 -24.98 26.11 -6.25
CA ALA F 129 -24.77 24.83 -5.60
C ALA F 129 -23.34 24.70 -5.07
N CYS F 130 -22.36 25.25 -5.81
CA CYS F 130 -20.99 25.25 -5.32
C CYS F 130 -20.85 26.14 -4.09
N ALA F 131 -21.64 27.22 -4.01
CA ALA F 131 -21.62 28.07 -2.83
C ALA F 131 -22.12 27.32 -1.60
N ASP F 132 -23.18 26.53 -1.77
CA ASP F 132 -23.72 25.77 -0.66
C ASP F 132 -22.72 24.73 -0.13
N PHE F 133 -21.73 24.35 -0.95
CA PHE F 133 -20.72 23.40 -0.50
C PHE F 133 -19.60 24.09 0.25
N LEU F 134 -19.11 25.21 -0.29
CA LEU F 134 -18.01 25.96 0.32
C LEU F 134 -18.39 26.61 1.64
N VAL F 135 -19.65 26.56 2.05
CA VAL F 135 -20.08 27.15 3.31
C VAL F 135 -20.49 26.11 4.34
N GLN F 136 -20.58 24.83 3.96
CA GLN F 136 -20.94 23.77 4.89
C GLN F 136 -19.92 23.68 6.01
N GLN F 137 -20.23 24.24 7.17
CA GLN F 137 -19.31 24.25 8.30
C GLN F 137 -19.81 23.34 9.42
OAA 9J3 G . 8.73 -25.67 24.44
CAC 9J3 G . 7.95 -26.64 24.62
OAB 9J3 G . 7.57 -26.92 25.79
CAD 9J3 G . 7.47 -27.46 23.43
CAE 9J3 G . 6.95 -28.84 23.83
CAF 9J3 G . 7.30 -29.89 22.79
OAG 9J3 G . 8.06 -29.64 21.92
OAH 9J3 G . 6.71 -31.17 22.84
CAI 9J3 G . 5.54 -31.28 22.08
CAJ 9J3 G . 5.74 -32.39 21.06
OAA 9J3 H . 26.27 8.84 -25.81
CAC 9J3 H . 27.40 8.45 -26.21
OAB 9J3 H . 27.93 7.43 -25.70
CAD 9J3 H . 28.11 9.22 -27.33
CAE 9J3 H . 28.17 10.72 -27.05
CAF 9J3 H . 28.59 11.51 -28.29
OAG 9J3 H . 28.96 10.95 -29.26
OAH 9J3 H . 28.53 12.91 -28.28
CAI 9J3 H . 29.29 13.52 -29.28
CAJ 9J3 H . 28.95 15.01 -29.32
OAA 9J3 I . -12.59 -12.63 -10.17
CAC 9J3 I . -13.36 -11.63 -10.10
OAB 9J3 I . -13.53 -11.05 -9.00
CAD 9J3 I . -14.08 -11.16 -11.35
CAE 9J3 I . -15.59 -11.10 -11.17
CAF 9J3 I . -16.34 -11.47 -12.45
OAG 9J3 I . -16.09 -10.90 -13.45
OAH 9J3 I . -17.30 -12.48 -12.47
CAI 9J3 I . -18.13 -12.42 -13.59
CAJ 9J3 I . -18.54 -13.85 -13.98
OAA 9J3 J . 16.00 21.08 3.30
CAC 9J3 J . 15.62 19.89 3.45
OAB 9J3 J . 16.46 19.00 3.78
CAD 9J3 J . 14.16 19.52 3.24
CAE 9J3 J . 13.23 20.68 3.61
CAF 9J3 J . 11.81 20.19 3.93
OAG 9J3 J . 11.60 19.04 4.06
OAH 9J3 J . 10.78 21.12 4.08
CAI 9J3 J . 9.76 21.01 3.13
CAJ 9J3 J . 8.96 22.31 3.12
OAA 9J3 K . 10.55 -14.26 40.06
CAC 9J3 K . 11.70 -14.26 39.57
OAB 9J3 K . 12.48 -15.23 39.64
CAD 9J3 K . 12.15 -13.02 38.86
CAE 9J3 K . 12.95 -12.23 39.92
CAF 9J3 K . 12.70 -10.82 39.30
OAG 9J3 K . 12.70 -10.69 38.13
OAH 9J3 K . 12.50 -9.69 40.10
CAI 9J3 K . 12.61 -8.52 39.35
CAJ 9J3 K . 13.82 -7.72 39.84
OAA 9J3 L . -12.79 20.73 -12.21
CAC 9J3 L . -11.70 20.51 -11.61
OAB 9J3 L . -11.45 19.36 -11.18
CAD 9J3 L . -10.69 21.64 -11.43
CAE 9J3 L . -9.62 21.66 -12.52
CAF 9J3 L . -8.24 21.92 -11.95
OAG 9J3 L . -7.78 21.20 -11.13
OAH 9J3 L . -7.50 23.03 -12.39
CAI 9J3 L . -8.03 24.26 -11.99
CAJ 9J3 L . -7.17 25.39 -12.57
#